data_7SZF
#
_entry.id   7SZF
#
_cell.length_a   74.730
_cell.length_b   96.932
_cell.length_c   80.809
_cell.angle_alpha   90.000
_cell.angle_beta   106.967
_cell.angle_gamma   90.000
#
_symmetry.space_group_name_H-M   'P 1 21 1'
#
loop_
_entity.id
_entity.type
_entity.pdbx_description
1 polymer SxtDIOX
2 non-polymer GLYCEROL
3 non-polymer beta-Saxitoxinol
4 non-polymer 'FE (III) ION'
5 non-polymer 'FE2/S2 (INORGANIC) CLUSTER'
6 non-polymer 'CHLORIDE ION'
7 water water
#
_entity_poly.entity_id   1
_entity_poly.type   'polypeptide(L)'
_entity_poly.pdbx_seq_one_letter_code
;MTTADLILINNWYVVAKVEDCRPGSITTAHLLGVKLVLWRSHEQNSPIQVWQDYCPHRGVPLSMGEVANNTLVCPYHGWR
YNQAGKCVQIPAHPDMVPPASAQAKTYHCQERYGLVWVCLGNPVNDIPSFPEWDDPNYHKTYTKSYLIQASPFRVMDNSI
DVSHFPFIHEGILGDRNHAEVEDLEVKVDKDGLTMGKYQVHTSKFNNSTKDDSMVNWFRLSHPLCQYCSTEASEMRTVDL
MVVTPIDEDNSVLRYLIMWNGSKTLESKILADYDQVIEEDIRILHSQQPTRLPLLSPKQINTQGLPQEIHVPSDRCTVAY
RRWLKELGVTYGVC
;
_entity_poly.pdbx_strand_id   A,B,C
#
loop_
_chem_comp.id
_chem_comp.type
_chem_comp.name
_chem_comp.formula
CL non-polymer 'CHLORIDE ION' 'Cl -1'
D82 non-polymer beta-Saxitoxinol 'C10 H17 N7 O3'
FE non-polymer 'FE (III) ION' 'Fe 3'
FES non-polymer 'FE2/S2 (INORGANIC) CLUSTER' 'Fe2 S2'
GOL non-polymer GLYCEROL 'C3 H8 O3'
#
# COMPACT_ATOMS: atom_id res chain seq x y z
N THR A 2 -10.72 40.03 23.01
CA THR A 2 -11.34 38.73 23.29
C THR A 2 -10.84 38.17 24.62
N THR A 3 -11.77 37.60 25.38
CA THR A 3 -11.47 37.00 26.68
C THR A 3 -11.49 35.48 26.63
N ALA A 4 -11.52 34.89 25.44
CA ALA A 4 -11.47 33.44 25.30
C ALA A 4 -10.11 32.92 25.69
N ASP A 5 -10.06 31.64 26.06
CA ASP A 5 -8.80 31.00 26.42
C ASP A 5 -7.82 31.01 25.26
N LEU A 6 -6.53 31.03 25.60
CA LEU A 6 -5.49 31.01 24.57
C LEU A 6 -5.63 29.77 23.68
N ILE A 7 -5.99 28.63 24.28
CA ILE A 7 -6.13 27.40 23.48
C ILE A 7 -7.20 27.58 22.42
N LEU A 8 -8.23 28.39 22.70
CA LEU A 8 -9.25 28.67 21.70
C LEU A 8 -8.79 29.73 20.72
N ILE A 9 -8.15 30.79 21.22
CA ILE A 9 -7.70 31.91 20.40
C ILE A 9 -6.74 31.45 19.30
N ASN A 10 -5.94 30.42 19.57
CA ASN A 10 -4.89 30.01 18.64
C ASN A 10 -5.37 28.98 17.61
N ASN A 11 -6.67 28.71 17.53
CA ASN A 11 -7.19 27.76 16.55
C ASN A 11 -7.86 28.51 15.41
N TRP A 12 -8.09 27.77 14.30
CA TRP A 12 -8.75 28.29 13.11
C TRP A 12 -10.25 28.02 13.18
N TYR A 13 -11.06 29.02 12.83
CA TYR A 13 -12.51 28.86 12.79
C TYR A 13 -13.04 29.37 11.46
N VAL A 14 -14.05 28.67 10.93
CA VAL A 14 -14.75 29.19 9.76
C VAL A 14 -15.63 30.36 10.16
N VAL A 15 -15.59 31.45 9.39
CA VAL A 15 -16.46 32.59 9.63
C VAL A 15 -17.33 32.93 8.43
N ALA A 16 -17.10 32.34 7.27
CA ALA A 16 -17.85 32.70 6.08
C ALA A 16 -17.59 31.67 4.99
N LYS A 17 -18.40 31.74 3.94
CA LYS A 17 -18.12 31.05 2.69
C LYS A 17 -17.37 31.98 1.74
N VAL A 18 -16.39 31.41 1.03
CA VAL A 18 -15.61 32.22 0.09
C VAL A 18 -16.53 32.86 -0.95
N GLU A 19 -17.54 32.12 -1.41
CA GLU A 19 -18.42 32.66 -2.43
C GLU A 19 -19.12 33.94 -1.97
N ASP A 20 -19.25 34.17 -0.67
CA ASP A 20 -19.89 35.38 -0.16
C ASP A 20 -18.91 36.54 0.03
N CYS A 21 -17.62 36.33 -0.18
CA CYS A 21 -16.63 37.40 -0.02
C CYS A 21 -16.12 37.72 -1.41
N ARG A 22 -16.89 38.50 -2.16
CA ARG A 22 -16.54 38.81 -3.54
C ARG A 22 -15.55 39.95 -3.62
N PRO A 23 -14.82 40.07 -4.73
CA PRO A 23 -13.92 41.22 -4.90
C PRO A 23 -14.67 42.53 -4.69
N GLY A 24 -14.05 43.43 -3.94
CA GLY A 24 -14.64 44.72 -3.61
C GLY A 24 -15.61 44.70 -2.45
N SER A 25 -15.96 43.54 -1.90
CA SER A 25 -17.03 43.44 -0.93
C SER A 25 -16.54 43.74 0.49
N ILE A 26 -17.48 44.13 1.34
CA ILE A 26 -17.29 44.25 2.78
C ILE A 26 -18.36 43.39 3.43
N THR A 27 -17.94 42.44 4.27
CA THR A 27 -18.87 41.64 5.04
C THR A 27 -18.43 41.63 6.50
N THR A 28 -19.29 41.09 7.37
CA THR A 28 -18.98 41.05 8.79
C THR A 28 -19.10 39.63 9.33
N ALA A 29 -18.46 39.43 10.48
CA ALA A 29 -18.62 38.18 11.22
C ALA A 29 -18.36 38.50 12.68
N HIS A 30 -18.47 37.47 13.50
CA HIS A 30 -18.37 37.65 14.94
C HIS A 30 -17.73 36.39 15.48
N LEU A 31 -16.59 36.53 16.17
CA LEU A 31 -15.81 35.36 16.57
C LEU A 31 -15.22 35.58 17.95
N LEU A 32 -15.56 34.70 18.90
CA LEU A 32 -15.03 34.74 20.28
C LEU A 32 -15.17 36.13 20.89
N GLY A 33 -16.34 36.74 20.69
CA GLY A 33 -16.63 38.03 21.26
C GLY A 33 -16.08 39.22 20.50
N VAL A 34 -15.38 39.01 19.39
CA VAL A 34 -14.78 40.09 18.60
C VAL A 34 -15.60 40.30 17.33
N LYS A 35 -15.95 41.55 17.06
CA LYS A 35 -16.63 41.87 15.80
C LYS A 35 -15.61 42.02 14.69
N LEU A 36 -15.84 41.35 13.58
CA LEU A 36 -14.88 41.27 12.48
C LEU A 36 -15.42 41.95 11.24
N VAL A 37 -14.53 42.55 10.46
CA VAL A 37 -14.84 43.01 9.12
C VAL A 37 -13.98 42.24 8.13
N LEU A 38 -14.58 41.79 7.04
CA LEU A 38 -13.90 41.06 5.99
C LEU A 38 -14.00 41.88 4.70
N TRP A 39 -12.86 42.13 4.04
CA TRP A 39 -12.96 42.90 2.81
C TRP A 39 -11.92 42.42 1.81
N ARG A 40 -12.20 42.70 0.54
CA ARG A 40 -11.29 42.42 -0.57
C ARG A 40 -11.25 43.62 -1.50
N SER A 41 -10.08 43.88 -2.08
CA SER A 41 -10.02 44.85 -3.16
C SER A 41 -10.80 44.35 -4.38
N HIS A 42 -11.06 45.26 -5.31
CA HIS A 42 -11.79 44.88 -6.52
C HIS A 42 -10.95 44.04 -7.49
N GLU A 43 -9.65 43.92 -7.27
CA GLU A 43 -8.82 43.16 -8.18
C GLU A 43 -9.19 41.68 -8.16
N GLN A 44 -9.15 41.06 -9.33
CA GLN A 44 -9.37 39.63 -9.42
C GLN A 44 -8.35 38.89 -8.57
N ASN A 45 -8.83 37.87 -7.86
CA ASN A 45 -8.00 37.00 -7.02
C ASN A 45 -7.38 37.74 -5.83
N SER A 46 -7.95 38.88 -5.46
CA SER A 46 -7.44 39.62 -4.31
C SER A 46 -7.61 38.80 -3.03
N PRO A 47 -6.75 39.00 -2.05
CA PRO A 47 -6.89 38.28 -0.78
C PRO A 47 -7.98 38.90 0.08
N ILE A 48 -8.44 38.10 1.04
CA ILE A 48 -9.42 38.54 2.04
C ILE A 48 -8.67 39.04 3.26
N GLN A 49 -8.92 40.29 3.64
CA GLN A 49 -8.48 40.85 4.91
C GLN A 49 -9.56 40.62 5.95
N VAL A 50 -9.15 40.20 7.14
CA VAL A 50 -10.07 40.02 8.26
C VAL A 50 -9.52 40.83 9.42
N TRP A 51 -10.21 41.90 9.78
CA TRP A 51 -9.77 42.79 10.83
C TRP A 51 -10.83 42.92 11.93
N GLN A 52 -10.40 43.40 13.09
CA GLN A 52 -11.37 43.86 14.06
C GLN A 52 -12.14 45.04 13.47
N ASP A 53 -13.46 45.04 13.67
CA ASP A 53 -14.35 45.98 13.00
C ASP A 53 -14.41 47.28 13.81
N TYR A 54 -13.34 48.08 13.70
CA TYR A 54 -13.17 49.20 14.62
C TYR A 54 -12.12 50.14 14.06
N CYS A 55 -12.50 51.41 13.84
CA CYS A 55 -11.52 52.44 13.49
C CYS A 55 -10.95 53.04 14.76
N PRO A 56 -9.64 52.99 14.99
CA PRO A 56 -9.09 53.45 16.27
C PRO A 56 -9.10 54.97 16.46
N HIS A 57 -9.47 55.74 15.45
CA HIS A 57 -9.57 57.19 15.61
C HIS A 57 -10.69 57.59 16.55
N ARG A 58 -11.95 57.33 16.16
CA ARG A 58 -13.07 57.68 17.02
C ARG A 58 -14.05 56.51 17.16
N GLY A 59 -13.60 55.29 16.90
CA GLY A 59 -14.35 54.12 17.34
C GLY A 59 -15.53 53.74 16.49
N VAL A 60 -15.47 54.03 15.19
CA VAL A 60 -16.53 53.71 14.23
C VAL A 60 -16.25 52.36 13.57
N PRO A 61 -17.26 51.53 13.29
CA PRO A 61 -16.99 50.25 12.60
C PRO A 61 -16.47 50.48 11.19
N LEU A 62 -15.33 49.87 10.87
CA LEU A 62 -14.81 50.00 9.51
C LEU A 62 -15.75 49.35 8.48
N SER A 63 -16.56 48.38 8.92
CA SER A 63 -17.51 47.76 8.01
C SER A 63 -18.54 48.74 7.47
N MET A 64 -18.63 49.93 8.06
CA MET A 64 -19.51 50.97 7.55
C MET A 64 -18.86 51.79 6.45
N GLY A 65 -17.64 51.44 6.06
CA GLY A 65 -16.87 52.22 5.09
C GLY A 65 -17.04 51.73 3.66
N GLU A 66 -15.99 51.93 2.87
CA GLU A 66 -16.03 51.52 1.47
C GLU A 66 -14.63 51.10 1.05
N VAL A 67 -14.57 50.20 0.07
CA VAL A 67 -13.29 49.73 -0.45
C VAL A 67 -12.94 50.59 -1.65
N ALA A 68 -11.75 51.18 -1.63
CA ALA A 68 -11.29 52.01 -2.74
C ALA A 68 -9.81 51.82 -2.93
N ASN A 69 -9.40 51.54 -4.17
CA ASN A 69 -7.99 51.57 -4.56
C ASN A 69 -7.13 50.75 -3.60
N ASN A 70 -7.58 49.53 -3.33
CA ASN A 70 -6.87 48.59 -2.45
C ASN A 70 -6.78 49.09 -1.01
N THR A 71 -7.72 49.93 -0.58
CA THR A 71 -7.79 50.36 0.80
C THR A 71 -9.22 50.25 1.30
N LEU A 72 -9.37 50.14 2.61
CA LEU A 72 -10.65 50.27 3.29
C LEU A 72 -10.70 51.65 3.94
N VAL A 73 -11.75 52.40 3.65
CA VAL A 73 -11.86 53.81 4.00
C VAL A 73 -12.92 53.97 5.06
N CYS A 74 -12.54 54.52 6.21
CA CYS A 74 -13.50 54.74 7.29
C CYS A 74 -14.52 55.81 6.88
N PRO A 75 -15.79 55.63 7.22
CA PRO A 75 -16.80 56.61 6.78
C PRO A 75 -16.73 57.94 7.53
N TYR A 76 -16.11 58.01 8.70
CA TYR A 76 -16.31 59.16 9.57
C TYR A 76 -15.37 60.31 9.21
N HIS A 77 -14.06 60.05 9.19
CA HIS A 77 -13.09 61.05 8.75
C HIS A 77 -12.27 60.58 7.56
N GLY A 78 -12.66 59.48 6.93
CA GLY A 78 -12.05 59.07 5.69
C GLY A 78 -10.64 58.54 5.79
N TRP A 79 -10.17 58.13 6.97
CA TRP A 79 -8.85 57.52 7.06
C TRP A 79 -8.80 56.25 6.22
N ARG A 80 -7.71 56.07 5.49
CA ARG A 80 -7.58 55.00 4.53
C ARG A 80 -6.57 53.96 5.04
N TYR A 81 -6.97 52.70 5.01
CA TYR A 81 -6.17 51.61 5.57
C TYR A 81 -5.80 50.65 4.46
N ASN A 82 -4.52 50.33 4.32
CA ASN A 82 -4.10 49.49 3.21
C ASN A 82 -4.34 48.02 3.56
N GLN A 83 -3.91 47.10 2.69
CA GLN A 83 -4.22 45.70 2.89
C GLN A 83 -3.60 45.17 4.18
N ALA A 84 -2.47 45.74 4.60
CA ALA A 84 -1.84 45.36 5.85
C ALA A 84 -2.46 46.01 7.07
N GLY A 85 -3.49 46.83 6.90
CA GLY A 85 -4.13 47.50 8.01
C GLY A 85 -3.47 48.80 8.44
N LYS A 86 -2.45 49.24 7.72
CA LYS A 86 -1.80 50.48 8.06
C LYS A 86 -2.56 51.64 7.44
N CYS A 87 -2.88 52.64 8.26
CA CYS A 87 -3.41 53.89 7.73
C CYS A 87 -2.36 54.56 6.86
N VAL A 88 -2.71 54.81 5.61
CA VAL A 88 -1.78 55.45 4.66
C VAL A 88 -2.21 56.86 4.29
N GLN A 89 -3.40 57.31 4.72
CA GLN A 89 -3.87 58.63 4.35
C GLN A 89 -4.87 59.13 5.39
N ILE A 90 -4.60 60.30 5.94
CA ILE A 90 -5.53 61.05 6.78
C ILE A 90 -5.94 62.28 5.99
N PRO A 91 -7.17 62.34 5.47
CA PRO A 91 -7.50 63.42 4.52
C PRO A 91 -7.45 64.81 5.13
N ALA A 92 -7.65 64.95 6.44
CA ALA A 92 -7.55 66.27 7.05
C ALA A 92 -6.13 66.82 6.97
N HIS A 93 -5.14 65.95 6.89
CA HIS A 93 -3.73 66.33 6.92
C HIS A 93 -3.04 65.54 5.82
N PRO A 94 -3.29 65.90 4.56
CA PRO A 94 -2.94 65.00 3.45
C PRO A 94 -1.45 64.83 3.21
N ASP A 95 -0.61 65.72 3.71
CA ASP A 95 0.83 65.55 3.62
C ASP A 95 1.44 64.95 4.88
N MET A 96 0.63 64.70 5.90
CA MET A 96 1.16 64.18 7.15
C MET A 96 1.34 62.67 7.04
N VAL A 97 2.40 62.16 7.66
CA VAL A 97 2.60 60.72 7.80
C VAL A 97 1.73 60.28 8.96
N PRO A 98 0.75 59.39 8.75
CA PRO A 98 -0.12 58.97 9.84
C PRO A 98 0.68 58.34 10.96
N PRO A 99 0.32 58.62 12.21
CA PRO A 99 1.04 58.02 13.34
C PRO A 99 1.00 56.50 13.28
N ALA A 100 2.01 55.88 13.91
CA ALA A 100 2.12 54.42 13.83
C ALA A 100 0.94 53.72 14.48
N SER A 101 0.36 54.32 15.53
CA SER A 101 -0.82 53.76 16.17
C SER A 101 -2.02 53.71 15.24
N ALA A 102 -2.02 54.48 14.15
CA ALA A 102 -3.12 54.47 13.18
C ALA A 102 -3.02 53.20 12.35
N GLN A 103 -3.60 52.12 12.87
CA GLN A 103 -3.40 50.78 12.36
C GLN A 103 -4.59 49.94 12.81
N ALA A 104 -5.23 49.26 11.87
CA ALA A 104 -6.33 48.35 12.25
C ALA A 104 -5.75 47.08 12.87
N LYS A 105 -6.53 46.49 13.79
CA LYS A 105 -6.16 45.19 14.36
C LYS A 105 -6.45 44.10 13.32
N THR A 106 -5.40 43.42 12.84
CA THR A 106 -5.57 42.44 11.78
C THR A 106 -5.44 41.04 12.33
N TYR A 107 -6.11 40.10 11.68
CA TYR A 107 -6.07 38.70 12.09
C TYR A 107 -5.68 37.81 10.92
N HIS A 108 -5.28 36.59 11.24
CA HIS A 108 -4.90 35.62 10.22
C HIS A 108 -6.13 35.09 9.49
N CYS A 109 -6.01 34.95 8.18
CA CYS A 109 -7.10 34.46 7.33
C CYS A 109 -6.56 33.55 6.25
N GLN A 110 -7.23 32.42 6.03
CA GLN A 110 -6.90 31.50 4.95
CA GLN A 110 -6.90 31.47 4.97
C GLN A 110 -8.18 30.96 4.34
N GLU A 111 -8.17 30.80 3.01
CA GLU A 111 -9.29 30.16 2.33
C GLU A 111 -8.96 28.69 2.18
N ARG A 112 -9.90 27.82 2.57
N ARG A 112 -9.89 27.82 2.57
CA ARG A 112 -9.69 26.40 2.39
CA ARG A 112 -9.69 26.39 2.39
C ARG A 112 -11.05 25.73 2.29
C ARG A 112 -11.05 25.72 2.30
N TYR A 113 -11.19 24.80 1.35
CA TYR A 113 -12.43 24.04 1.14
C TYR A 113 -13.59 24.98 0.78
N GLY A 114 -13.27 26.12 0.18
CA GLY A 114 -14.30 27.09 -0.14
C GLY A 114 -14.83 27.85 1.05
N LEU A 115 -14.15 27.78 2.21
CA LEU A 115 -14.57 28.44 3.43
C LEU A 115 -13.49 29.43 3.87
N VAL A 116 -13.90 30.47 4.60
CA VAL A 116 -13.00 31.51 5.08
C VAL A 116 -12.64 31.16 6.53
N TRP A 117 -11.37 30.84 6.78
CA TRP A 117 -10.92 30.45 8.11
C TRP A 117 -10.13 31.60 8.73
N VAL A 118 -10.35 31.81 10.03
CA VAL A 118 -9.75 32.93 10.74
C VAL A 118 -9.10 32.43 12.02
N CYS A 119 -7.92 32.96 12.33
CA CYS A 119 -7.28 32.73 13.61
C CYS A 119 -7.01 34.08 14.26
N LEU A 120 -7.62 34.32 15.42
CA LEU A 120 -7.46 35.57 16.13
C LEU A 120 -6.14 35.66 16.86
N GLY A 121 -5.48 34.54 17.07
CA GLY A 121 -4.26 34.54 17.84
C GLY A 121 -3.07 34.25 16.98
N ASN A 122 -2.28 33.28 17.41
CA ASN A 122 -1.07 32.88 16.70
C ASN A 122 -1.25 31.44 16.27
N PRO A 123 -1.43 31.18 14.98
CA PRO A 123 -1.74 29.82 14.52
C PRO A 123 -0.68 28.82 14.96
N VAL A 124 -1.08 27.91 15.84
CA VAL A 124 -0.19 26.83 16.27
C VAL A 124 -0.46 25.55 15.50
N ASN A 125 -1.60 25.44 14.83
CA ASN A 125 -1.97 24.23 14.12
C ASN A 125 -2.39 24.61 12.71
N ASP A 126 -2.48 23.59 11.86
CA ASP A 126 -3.03 23.79 10.54
C ASP A 126 -4.56 23.77 10.60
N ILE A 127 -5.18 24.25 9.53
CA ILE A 127 -6.62 24.08 9.38
C ILE A 127 -6.94 22.60 9.34
N PRO A 128 -8.02 22.14 9.96
CA PRO A 128 -8.34 20.70 9.95
C PRO A 128 -8.30 20.12 8.54
N SER A 129 -7.81 18.88 8.45
CA SER A 129 -7.75 18.20 7.17
CA SER A 129 -7.74 18.17 7.19
C SER A 129 -9.14 17.70 6.78
N PHE A 130 -9.33 17.55 5.48
CA PHE A 130 -10.60 17.06 4.92
C PHE A 130 -10.23 16.27 3.68
N PRO A 131 -9.96 14.96 3.83
CA PRO A 131 -9.29 14.21 2.75
C PRO A 131 -10.08 14.14 1.45
N GLU A 132 -11.41 14.03 1.52
CA GLU A 132 -12.19 13.92 0.30
C GLU A 132 -12.20 15.19 -0.54
N TRP A 133 -11.76 16.34 0.00
CA TRP A 133 -11.74 17.55 -0.81
C TRP A 133 -10.96 17.33 -2.11
N ASP A 134 -9.85 16.59 -2.04
CA ASP A 134 -9.02 16.31 -3.20
C ASP A 134 -9.43 15.06 -3.95
N ASP A 135 -10.55 14.45 -3.60
CA ASP A 135 -10.93 13.20 -4.22
C ASP A 135 -12.01 13.49 -5.23
N PRO A 136 -11.72 13.49 -6.53
CA PRO A 136 -12.71 13.89 -7.54
C PRO A 136 -13.79 12.86 -7.77
N ASN A 137 -13.72 11.70 -7.13
CA ASN A 137 -14.83 10.77 -7.12
C ASN A 137 -15.98 11.26 -6.25
N TYR A 138 -15.76 12.29 -5.45
CA TYR A 138 -16.76 12.83 -4.54
C TYR A 138 -17.28 14.17 -5.05
N HIS A 139 -18.59 14.33 -5.00
CA HIS A 139 -19.21 15.62 -5.27
C HIS A 139 -19.28 16.39 -3.97
N LYS A 140 -19.54 17.70 -4.06
CA LYS A 140 -19.58 18.52 -2.86
C LYS A 140 -20.82 19.39 -2.83
N THR A 141 -21.28 19.69 -1.61
CA THR A 141 -22.35 20.67 -1.42
C THR A 141 -22.19 21.28 -0.04
N TYR A 142 -22.77 22.45 0.15
CA TYR A 142 -22.70 23.18 1.42
C TYR A 142 -24.10 23.37 1.97
N THR A 143 -24.28 23.15 3.28
CA THR A 143 -25.54 23.56 3.88
C THR A 143 -25.58 25.08 3.98
N LYS A 144 -26.79 25.61 4.21
CA LYS A 144 -26.80 26.99 4.65
C LYS A 144 -26.19 27.07 6.06
N SER A 145 -25.98 28.29 6.50
CA SER A 145 -25.54 28.49 7.86
C SER A 145 -26.74 28.49 8.81
N TYR A 146 -26.49 28.08 10.05
CA TYR A 146 -27.54 28.05 11.08
C TYR A 146 -27.06 28.84 12.28
N LEU A 147 -27.77 29.90 12.62
CA LEU A 147 -27.48 30.70 13.81
C LEU A 147 -28.20 30.05 14.98
N ILE A 148 -27.45 29.71 16.03
CA ILE A 148 -28.00 28.92 17.13
C ILE A 148 -27.74 29.63 18.46
N GLN A 149 -28.79 29.81 19.24
CA GLN A 149 -28.67 30.40 20.57
C GLN A 149 -28.29 29.32 21.58
N ALA A 150 -27.07 28.85 21.42
CA ALA A 150 -26.52 27.83 22.30
C ALA A 150 -25.01 27.95 22.29
N SER A 151 -24.38 27.55 23.39
CA SER A 151 -22.92 27.52 23.45
C SER A 151 -22.37 26.68 22.30
N PRO A 152 -21.27 27.13 21.68
CA PRO A 152 -20.67 26.31 20.61
C PRO A 152 -20.26 24.94 21.10
N PHE A 153 -19.94 24.81 22.39
CA PHE A 153 -19.58 23.49 22.89
C PHE A 153 -20.79 22.62 23.14
N ARG A 154 -21.96 23.20 23.46
CA ARG A 154 -23.17 22.39 23.45
C ARG A 154 -23.53 21.97 22.03
N VAL A 155 -23.33 22.85 21.05
CA VAL A 155 -23.57 22.46 19.66
C VAL A 155 -22.72 21.24 19.29
N MET A 156 -21.42 21.26 19.63
CA MET A 156 -20.59 20.13 19.24
C MET A 156 -20.94 18.89 20.07
N ASP A 157 -21.22 19.06 21.36
CA ASP A 157 -21.69 17.96 22.20
C ASP A 157 -22.85 17.21 21.54
N ASN A 158 -23.84 17.96 21.04
CA ASN A 158 -25.00 17.35 20.41
C ASN A 158 -24.61 16.55 19.16
N SER A 159 -23.58 16.99 18.45
CA SER A 159 -23.20 16.26 17.25
CA SER A 159 -23.14 16.30 17.25
C SER A 159 -22.30 15.07 17.54
N ILE A 160 -21.73 14.98 18.74
CA ILE A 160 -20.97 13.80 19.14
C ILE A 160 -21.89 12.73 19.72
N ASP A 161 -23.01 13.17 20.30
CA ASP A 161 -24.02 12.30 20.85
C ASP A 161 -24.65 11.42 19.76
N VAL A 162 -24.75 10.11 20.01
CA VAL A 162 -25.42 9.21 19.07
C VAL A 162 -26.67 8.57 19.66
N SER A 163 -26.81 8.52 20.98
CA SER A 163 -27.95 7.80 21.53
C SER A 163 -29.28 8.53 21.29
N HIS A 164 -29.24 9.83 20.97
CA HIS A 164 -30.48 10.57 20.73
C HIS A 164 -31.11 10.28 19.36
N PHE A 165 -30.38 9.62 18.45
CA PHE A 165 -30.87 9.43 17.08
C PHE A 165 -32.28 8.86 17.00
N PRO A 166 -32.63 7.76 17.69
CA PRO A 166 -33.98 7.20 17.53
C PRO A 166 -35.08 8.09 18.06
N PHE A 167 -34.76 9.08 18.87
CA PHE A 167 -35.78 9.88 19.54
C PHE A 167 -36.05 11.22 18.89
N ILE A 168 -35.05 11.90 18.33
CA ILE A 168 -35.36 13.14 17.63
C ILE A 168 -35.05 13.09 16.13
N HIS A 169 -34.45 12.01 15.63
CA HIS A 169 -34.20 11.85 14.19
C HIS A 169 -34.81 10.55 13.65
N GLU A 170 -35.95 10.15 14.18
CA GLU A 170 -36.56 8.90 13.76
C GLU A 170 -36.80 8.96 12.25
N GLY A 171 -36.34 7.92 11.54
CA GLY A 171 -36.51 7.90 10.10
C GLY A 171 -35.26 8.21 9.28
N ILE A 172 -34.44 9.17 9.72
CA ILE A 172 -33.20 9.51 8.99
C ILE A 172 -31.99 8.88 9.65
N LEU A 173 -31.87 9.00 10.97
CA LEU A 173 -30.73 8.47 11.70
C LEU A 173 -31.10 7.45 12.77
N GLY A 174 -32.39 7.19 12.98
CA GLY A 174 -32.79 6.40 14.13
C GLY A 174 -34.04 5.58 13.88
N ASP A 175 -34.18 4.54 14.70
CA ASP A 175 -35.32 3.63 14.66
C ASP A 175 -35.76 3.38 16.10
N ARG A 176 -36.98 3.79 16.44
CA ARG A 176 -37.41 3.67 17.82
C ARG A 176 -37.51 2.23 18.28
N ASN A 177 -37.51 1.25 17.37
CA ASN A 177 -37.40 -0.16 17.73
C ASN A 177 -35.95 -0.63 17.85
N HIS A 178 -34.98 0.25 17.58
CA HIS A 178 -33.56 -0.05 17.73
C HIS A 178 -32.89 1.09 18.50
N ALA A 179 -33.42 1.40 19.69
CA ALA A 179 -32.86 2.48 20.48
C ALA A 179 -31.65 2.05 21.33
N GLU A 180 -31.43 0.74 21.50
CA GLU A 180 -30.25 0.30 22.23
C GLU A 180 -28.97 0.77 21.55
N VAL A 181 -27.98 1.10 22.34
CA VAL A 181 -26.71 1.60 21.84
C VAL A 181 -25.63 0.62 22.22
N GLU A 182 -24.93 0.07 21.23
CA GLU A 182 -23.87 -0.88 21.54
C GLU A 182 -22.69 -0.17 22.19
N ASP A 183 -21.73 -0.98 22.66
CA ASP A 183 -20.53 -0.40 23.27
C ASP A 183 -19.83 0.49 22.26
N LEU A 184 -19.49 1.70 22.69
CA LEU A 184 -18.84 2.68 21.84
C LEU A 184 -17.34 2.64 22.03
N GLU A 185 -16.62 2.91 20.94
CA GLU A 185 -15.17 3.04 20.96
C GLU A 185 -14.80 4.51 20.87
N VAL A 186 -14.11 5.02 21.88
CA VAL A 186 -13.70 6.42 21.87
C VAL A 186 -12.24 6.50 22.30
N LYS A 187 -11.51 7.42 21.68
CA LYS A 187 -10.11 7.68 22.00
C LYS A 187 -9.89 9.18 21.98
N VAL A 188 -9.16 9.68 22.97
CA VAL A 188 -8.70 11.07 23.00
C VAL A 188 -7.17 11.02 23.09
N ASP A 189 -6.50 11.55 22.07
CA ASP A 189 -5.04 11.57 22.04
C ASP A 189 -4.61 12.84 21.30
N LYS A 190 -3.37 12.85 20.77
CA LYS A 190 -2.88 14.06 20.12
C LYS A 190 -3.56 14.31 18.77
N ASP A 191 -4.14 13.29 18.15
CA ASP A 191 -4.98 13.49 16.98
C ASP A 191 -6.37 14.01 17.33
N GLY A 192 -6.67 14.21 18.62
CA GLY A 192 -7.98 14.71 19.03
C GLY A 192 -8.91 13.64 19.54
N LEU A 193 -10.21 13.83 19.31
CA LEU A 193 -11.22 12.89 19.78
C LEU A 193 -11.76 12.09 18.61
N THR A 194 -11.74 10.75 18.73
CA THR A 194 -12.17 9.86 17.66
C THR A 194 -13.21 8.91 18.22
N MET A 195 -14.34 8.78 17.52
CA MET A 195 -15.31 7.73 17.81
C MET A 195 -15.18 6.65 16.74
N GLY A 196 -14.99 5.42 17.19
CA GLY A 196 -14.85 4.30 16.28
C GLY A 196 -16.14 3.98 15.56
N LYS A 197 -16.02 3.13 14.53
CA LYS A 197 -17.17 2.78 13.70
C LYS A 197 -18.34 2.27 14.54
N TYR A 198 -19.53 2.76 14.18
CA TYR A 198 -20.78 2.59 14.94
C TYR A 198 -21.90 2.29 13.96
N GLN A 199 -22.74 1.29 14.28
CA GLN A 199 -23.83 0.90 13.40
C GLN A 199 -25.05 1.77 13.66
N VAL A 200 -25.53 2.46 12.63
CA VAL A 200 -26.72 3.31 12.69
C VAL A 200 -27.88 2.56 12.06
N HIS A 201 -29.05 2.66 12.69
CA HIS A 201 -30.28 2.03 12.19
C HIS A 201 -31.27 3.13 11.86
N THR A 202 -31.77 3.15 10.61
CA THR A 202 -32.54 4.26 10.11
C THR A 202 -34.03 3.99 9.96
N SER A 203 -34.46 2.73 10.06
CA SER A 203 -35.86 2.35 9.86
C SER A 203 -36.35 2.76 8.48
N ASP A 212 -32.44 0.84 6.05
CA ASP A 212 -31.15 0.15 5.95
C ASP A 212 -30.31 0.31 7.22
N SER A 213 -29.02 0.02 7.08
CA SER A 213 -28.07 0.09 8.19
C SER A 213 -26.76 0.67 7.67
N MET A 214 -26.35 1.78 8.28
CA MET A 214 -25.13 2.48 7.90
C MET A 214 -24.08 2.33 8.99
N VAL A 215 -22.82 2.56 8.63
CA VAL A 215 -21.71 2.53 9.57
C VAL A 215 -21.12 3.94 9.62
N ASN A 216 -21.01 4.49 10.83
CA ASN A 216 -20.60 5.87 11.01
C ASN A 216 -19.37 5.94 11.92
N TRP A 217 -18.48 6.91 11.66
CA TRP A 217 -17.44 7.25 12.63
C TRP A 217 -17.09 8.72 12.44
N PHE A 218 -16.36 9.28 13.42
CA PHE A 218 -16.00 10.68 13.28
C PHE A 218 -14.77 11.00 14.11
N ARG A 219 -14.13 12.12 13.75
CA ARG A 219 -12.95 12.59 14.47
C ARG A 219 -13.00 14.10 14.58
N LEU A 220 -12.61 14.61 15.76
CA LEU A 220 -12.40 16.03 15.98
C LEU A 220 -10.92 16.23 16.27
N SER A 221 -10.19 16.84 15.33
CA SER A 221 -8.81 17.17 15.66
C SER A 221 -8.75 18.37 16.60
N HIS A 222 -9.78 19.22 16.60
CA HIS A 222 -9.90 20.36 17.49
C HIS A 222 -11.35 20.44 17.93
N PRO A 223 -11.63 21.13 19.04
CA PRO A 223 -12.94 20.97 19.70
C PRO A 223 -14.15 21.44 18.91
N LEU A 224 -14.01 22.31 17.90
CA LEU A 224 -15.19 22.86 17.23
C LEU A 224 -15.22 22.55 15.74
N CYS A 225 -14.48 21.54 15.30
CA CYS A 225 -14.56 21.06 13.92
C CYS A 225 -14.58 19.54 13.94
N GLN A 226 -15.54 18.94 13.24
CA GLN A 226 -15.72 17.49 13.25
C GLN A 226 -15.72 16.95 11.83
N TYR A 227 -14.97 15.89 11.59
CA TYR A 227 -14.97 15.16 10.33
C TYR A 227 -15.78 13.89 10.51
N CYS A 228 -16.81 13.72 9.71
CA CYS A 228 -17.79 12.67 9.90
C CYS A 228 -17.85 11.82 8.64
N SER A 229 -17.89 10.49 8.81
CA SER A 229 -17.83 9.58 7.69
C SER A 229 -18.87 8.48 7.84
N THR A 230 -19.70 8.27 6.80
CA THR A 230 -20.77 7.27 6.84
C THR A 230 -20.76 6.44 5.57
N GLU A 231 -20.77 5.12 5.73
CA GLU A 231 -20.86 4.18 4.62
C GLU A 231 -22.23 3.54 4.63
N ALA A 232 -22.96 3.70 3.53
CA ALA A 232 -24.22 3.02 3.35
C ALA A 232 -23.99 1.81 2.46
N SER A 233 -25.07 1.21 1.97
CA SER A 233 -24.93 0.11 1.04
C SER A 233 -24.18 0.56 -0.22
N GLU A 234 -24.73 1.56 -0.91
CA GLU A 234 -24.26 1.92 -2.24
C GLU A 234 -23.47 3.23 -2.27
N MET A 235 -23.03 3.76 -1.14
CA MET A 235 -22.51 5.13 -1.17
C MET A 235 -21.82 5.48 0.13
N ARG A 236 -20.80 6.34 0.04
CA ARG A 236 -20.13 6.89 1.20
C ARG A 236 -20.38 8.40 1.25
N THR A 237 -20.73 8.90 2.42
CA THR A 237 -21.00 10.33 2.65
C THR A 237 -20.08 10.81 3.75
N VAL A 238 -19.33 11.89 3.49
CA VAL A 238 -18.49 12.50 4.52
C VAL A 238 -18.93 13.95 4.69
N ASP A 239 -18.56 14.54 5.83
CA ASP A 239 -18.68 15.98 5.90
C ASP A 239 -17.67 16.56 6.87
N LEU A 240 -17.48 17.86 6.74
CA LEU A 240 -16.74 18.67 7.67
C LEU A 240 -17.73 19.59 8.36
N MET A 241 -17.90 19.40 9.66
CA MET A 241 -18.79 20.21 10.48
C MET A 241 -17.97 21.29 11.14
N VAL A 242 -18.34 22.55 10.93
CA VAL A 242 -17.57 23.66 11.49
C VAL A 242 -18.51 24.53 12.32
N VAL A 243 -18.13 24.78 13.57
CA VAL A 243 -18.91 25.61 14.47
C VAL A 243 -18.17 26.93 14.63
N THR A 244 -18.85 28.03 14.37
CA THR A 244 -18.28 29.34 14.64
C THR A 244 -18.65 29.73 16.05
N PRO A 245 -17.69 29.89 16.97
CA PRO A 245 -18.06 30.29 18.33
C PRO A 245 -18.23 31.81 18.39
N ILE A 246 -19.46 32.30 18.20
CA ILE A 246 -19.70 33.75 18.25
C ILE A 246 -19.26 34.32 19.58
N ASP A 247 -19.72 33.73 20.67
CA ASP A 247 -19.27 34.08 22.02
C ASP A 247 -19.55 32.87 22.89
N GLU A 248 -19.67 33.06 24.20
CA GLU A 248 -19.85 31.88 25.04
C GLU A 248 -21.21 31.21 24.86
N ASP A 249 -22.19 31.94 24.31
CA ASP A 249 -23.58 31.51 24.38
C ASP A 249 -24.25 31.42 23.02
N ASN A 250 -23.49 31.58 21.94
CA ASN A 250 -24.06 31.68 20.60
C ASN A 250 -23.12 31.07 19.58
N SER A 251 -23.68 30.49 18.51
CA SER A 251 -22.91 29.72 17.55
C SER A 251 -23.47 29.89 16.14
N VAL A 252 -22.59 29.73 15.15
CA VAL A 252 -23.01 29.49 13.77
C VAL A 252 -22.60 28.06 13.43
N LEU A 253 -23.46 27.35 12.71
CA LEU A 253 -23.20 25.98 12.31
C LEU A 253 -23.22 25.88 10.79
N ARG A 254 -22.23 25.17 10.22
CA ARG A 254 -22.17 24.91 8.78
C ARG A 254 -21.59 23.53 8.53
N TYR A 255 -22.01 22.91 7.41
CA TYR A 255 -21.48 21.63 6.96
C TYR A 255 -21.04 21.74 5.51
N LEU A 256 -19.87 21.19 5.22
CA LEU A 256 -19.46 20.88 3.87
C LEU A 256 -19.60 19.37 3.69
N ILE A 257 -20.44 18.94 2.76
CA ILE A 257 -20.80 17.53 2.59
C ILE A 257 -20.25 17.05 1.25
N MET A 258 -19.65 15.85 1.25
CA MET A 258 -19.16 15.24 0.02
C MET A 258 -19.62 13.80 -0.03
N TRP A 259 -19.98 13.33 -1.23
CA TRP A 259 -20.52 11.98 -1.39
C TRP A 259 -20.12 11.44 -2.76
N ASN A 260 -20.00 10.12 -2.86
CA ASN A 260 -19.54 9.50 -4.11
C ASN A 260 -20.63 8.78 -4.89
N GLY A 261 -21.90 9.00 -4.54
CA GLY A 261 -23.02 8.53 -5.32
C GLY A 261 -23.38 9.53 -6.39
N SER A 262 -24.59 9.39 -6.92
CA SER A 262 -25.03 10.22 -8.03
C SER A 262 -25.09 11.69 -7.63
N LYS A 263 -24.68 12.57 -8.54
CA LYS A 263 -24.84 14.00 -8.33
C LYS A 263 -26.29 14.38 -8.07
N THR A 264 -27.24 13.62 -8.63
CA THR A 264 -28.65 13.96 -8.51
C THR A 264 -29.17 13.85 -7.08
N LEU A 265 -28.37 13.31 -6.15
CA LEU A 265 -28.80 13.15 -4.77
C LEU A 265 -28.66 14.43 -3.95
N GLU A 266 -28.09 15.50 -4.51
CA GLU A 266 -27.71 16.67 -3.73
C GLU A 266 -28.90 17.27 -2.98
N SER A 267 -30.03 17.45 -3.65
CA SER A 267 -31.16 18.09 -2.98
CA SER A 267 -31.16 18.10 -2.97
C SER A 267 -31.68 17.24 -1.83
N LYS A 268 -31.72 15.92 -2.02
CA LYS A 268 -32.19 15.03 -0.96
C LYS A 268 -31.24 15.05 0.23
N ILE A 269 -29.92 15.09 -0.03
CA ILE A 269 -28.95 15.17 1.04
C ILE A 269 -29.15 16.45 1.85
N LEU A 270 -29.22 17.59 1.15
CA LEU A 270 -29.42 18.87 1.83
C LEU A 270 -30.72 18.87 2.62
N ALA A 271 -31.77 18.28 2.05
CA ALA A 271 -33.05 18.22 2.76
C ALA A 271 -32.96 17.37 4.02
N ASP A 272 -32.29 16.22 3.94
CA ASP A 272 -32.14 15.37 5.12
C ASP A 272 -31.32 16.08 6.20
N TYR A 273 -30.20 16.71 5.81
CA TYR A 273 -29.41 17.44 6.80
C TYR A 273 -30.22 18.56 7.43
N ASP A 274 -30.96 19.30 6.62
CA ASP A 274 -31.75 20.39 7.17
C ASP A 274 -32.76 19.89 8.20
N GLN A 275 -33.42 18.78 7.91
CA GLN A 275 -34.38 18.22 8.86
C GLN A 275 -33.70 17.85 10.17
N VAL A 276 -32.57 17.16 10.08
CA VAL A 276 -31.86 16.70 11.27
C VAL A 276 -31.34 17.88 12.08
N ILE A 277 -30.72 18.85 11.41
CA ILE A 277 -30.19 20.03 12.09
C ILE A 277 -31.29 20.77 12.84
N GLU A 278 -32.45 20.97 12.20
CA GLU A 278 -33.51 21.70 12.91
C GLU A 278 -34.05 20.89 14.08
N GLU A 279 -34.09 19.56 13.95
CA GLU A 279 -34.45 18.71 15.09
C GLU A 279 -33.48 18.90 16.25
N ASP A 280 -32.18 18.97 15.95
CA ASP A 280 -31.19 19.22 16.98
C ASP A 280 -31.30 20.62 17.56
N ILE A 281 -31.57 21.62 16.72
CA ILE A 281 -31.64 22.98 17.23
C ILE A 281 -32.78 23.11 18.24
N ARG A 282 -33.90 22.40 18.01
CA ARG A 282 -35.00 22.46 18.99
C ARG A 282 -34.49 22.06 20.37
N ILE A 283 -33.68 21.02 20.44
CA ILE A 283 -33.11 20.58 21.71
C ILE A 283 -32.06 21.58 22.22
N LEU A 284 -31.12 21.98 21.35
CA LEU A 284 -30.03 22.86 21.77
C LEU A 284 -30.55 24.16 22.39
N HIS A 285 -31.57 24.77 21.79
N HIS A 285 -31.57 24.77 21.79
CA HIS A 285 -32.10 26.04 22.29
CA HIS A 285 -32.12 26.02 22.31
C HIS A 285 -32.74 25.89 23.67
C HIS A 285 -32.64 25.87 23.73
N SER A 286 -33.12 24.67 24.06
CA SER A 286 -33.80 24.42 25.33
C SER A 286 -32.86 24.04 26.46
N GLN A 287 -31.62 23.68 26.17
CA GLN A 287 -30.77 23.12 27.21
C GLN A 287 -30.33 24.20 28.20
N GLN A 288 -30.33 23.83 29.48
CA GLN A 288 -29.84 24.68 30.55
C GLN A 288 -28.96 23.86 31.47
N PRO A 289 -27.87 24.43 31.98
CA PRO A 289 -27.43 25.80 31.68
C PRO A 289 -26.96 25.94 30.22
N THR A 290 -26.90 27.17 29.71
CA THR A 290 -26.50 27.38 28.32
C THR A 290 -25.11 26.80 28.07
N ARG A 291 -24.16 27.10 28.93
CA ARG A 291 -22.81 26.66 28.69
C ARG A 291 -22.68 25.17 29.04
N LEU A 292 -21.78 24.50 28.34
CA LEU A 292 -21.61 23.05 28.49
C LEU A 292 -21.01 22.74 29.84
N PRO A 293 -21.69 21.95 30.69
CA PRO A 293 -21.08 21.54 31.97
C PRO A 293 -19.93 20.57 31.75
N LEU A 294 -18.78 20.85 32.35
CA LEU A 294 -17.68 19.91 32.33
C LEU A 294 -17.84 18.91 33.49
N LEU A 295 -16.94 17.95 33.57
CA LEU A 295 -17.05 16.93 34.61
C LEU A 295 -16.63 17.51 35.96
N SER A 296 -17.23 16.99 37.02
CA SER A 296 -16.92 17.48 38.36
C SER A 296 -16.56 16.33 39.28
N GLY A 304 -32.04 23.70 36.57
CA GLY A 304 -30.68 23.69 35.99
C GLY A 304 -29.68 23.37 37.06
N LEU A 305 -30.18 22.91 38.20
CA LEU A 305 -29.26 22.74 39.35
C LEU A 305 -28.61 21.35 39.44
N PRO A 306 -29.31 20.20 39.29
CA PRO A 306 -28.63 18.92 39.46
C PRO A 306 -27.50 18.74 38.43
N GLN A 307 -26.40 18.11 38.84
CA GLN A 307 -25.30 17.87 37.91
C GLN A 307 -25.71 16.80 36.90
N GLU A 308 -25.01 16.79 35.77
CA GLU A 308 -25.36 15.84 34.72
C GLU A 308 -25.14 14.40 35.17
N ILE A 309 -25.95 13.51 34.61
CA ILE A 309 -25.81 12.07 34.79
C ILE A 309 -25.24 11.47 33.51
N HIS A 310 -24.38 10.46 33.66
CA HIS A 310 -23.76 9.84 32.49
C HIS A 310 -23.99 8.35 32.53
N VAL A 311 -24.34 7.78 31.37
CA VAL A 311 -24.54 6.34 31.21
C VAL A 311 -23.55 5.84 30.15
N PRO A 312 -23.41 4.53 29.92
CA PRO A 312 -22.32 4.07 29.05
C PRO A 312 -22.39 4.59 27.64
N SER A 313 -23.60 4.78 27.07
CA SER A 313 -23.70 5.34 25.73
C SER A 313 -23.31 6.81 25.65
N ASP A 314 -23.02 7.45 26.79
CA ASP A 314 -22.46 8.81 26.82
C ASP A 314 -20.95 8.81 26.76
N ARG A 315 -20.34 7.66 26.47
CA ARG A 315 -18.89 7.55 26.58
C ARG A 315 -18.17 8.64 25.79
N CYS A 316 -18.65 8.92 24.56
CA CYS A 316 -17.96 9.91 23.73
CA CYS A 316 -17.97 9.91 23.73
C CYS A 316 -18.25 11.33 24.21
N THR A 317 -19.47 11.61 24.68
CA THR A 317 -19.72 12.97 25.15
C THR A 317 -19.06 13.22 26.50
N VAL A 318 -18.91 12.19 27.32
CA VAL A 318 -18.11 12.34 28.53
C VAL A 318 -16.65 12.63 28.16
N ALA A 319 -16.13 11.91 27.16
CA ALA A 319 -14.74 12.13 26.74
C ALA A 319 -14.55 13.54 26.21
N TYR A 320 -15.56 14.07 25.51
CA TYR A 320 -15.48 15.45 25.00
C TYR A 320 -15.34 16.44 26.15
N ARG A 321 -16.15 16.28 27.21
CA ARG A 321 -16.05 17.15 28.37
C ARG A 321 -14.69 17.03 29.05
N ARG A 322 -14.19 15.80 29.16
CA ARG A 322 -12.87 15.57 29.76
C ARG A 322 -11.79 16.25 28.93
N TRP A 323 -11.88 16.13 27.61
CA TRP A 323 -10.94 16.75 26.70
C TRP A 323 -10.92 18.27 26.87
N LEU A 324 -12.11 18.90 26.87
CA LEU A 324 -12.16 20.34 27.05
C LEU A 324 -11.49 20.77 28.35
N LYS A 325 -11.68 20.01 29.41
CA LYS A 325 -11.06 20.40 30.68
C LYS A 325 -9.56 20.22 30.62
N GLU A 326 -9.10 19.13 29.99
CA GLU A 326 -7.66 18.93 29.84
C GLU A 326 -7.03 20.05 29.03
N LEU A 327 -7.75 20.53 28.01
CA LEU A 327 -7.26 21.61 27.17
C LEU A 327 -7.23 22.96 27.88
N GLY A 328 -7.96 23.09 28.98
CA GLY A 328 -8.04 24.36 29.67
C GLY A 328 -9.16 25.28 29.18
N VAL A 329 -10.18 24.72 28.55
CA VAL A 329 -11.28 25.55 28.05
C VAL A 329 -12.12 26.01 29.24
N THR A 330 -12.28 27.32 29.39
CA THR A 330 -13.19 27.90 30.37
C THR A 330 -14.27 28.75 29.73
N TYR A 331 -14.16 29.03 28.44
CA TYR A 331 -15.05 29.92 27.71
C TYR A 331 -16.14 29.07 27.04
N GLY A 332 -17.41 29.42 27.29
CA GLY A 332 -18.51 28.65 26.70
C GLY A 332 -18.87 27.40 27.45
N VAL A 333 -18.24 27.16 28.60
CA VAL A 333 -18.44 25.97 29.41
C VAL A 333 -18.67 26.40 30.85
N CYS A 334 -19.09 25.46 31.70
CA CYS A 334 -19.35 25.78 33.10
C CYS A 334 -19.19 24.56 34.02
N THR B 2 15.04 -19.69 25.01
CA THR B 2 16.03 -19.39 23.98
C THR B 2 17.46 -19.56 24.50
N THR B 3 18.37 -20.01 23.63
CA THR B 3 19.78 -20.10 23.96
C THR B 3 20.61 -19.05 23.20
N ALA B 4 19.97 -18.05 22.59
CA ALA B 4 20.72 -17.05 21.85
C ALA B 4 21.57 -16.18 22.78
N ASP B 5 22.67 -15.69 22.24
CA ASP B 5 23.54 -14.77 22.96
C ASP B 5 22.80 -13.51 23.38
N LEU B 6 23.24 -12.93 24.51
CA LEU B 6 22.62 -11.70 24.98
C LEU B 6 22.81 -10.58 23.97
N ILE B 7 23.94 -10.56 23.25
CA ILE B 7 24.15 -9.54 22.23
C ILE B 7 23.09 -9.62 21.13
N LEU B 8 22.57 -10.83 20.86
CA LEU B 8 21.48 -10.96 19.88
C LEU B 8 20.13 -10.67 20.53
N ILE B 9 19.93 -11.14 21.77
CA ILE B 9 18.64 -11.00 22.42
C ILE B 9 18.29 -9.53 22.61
N ASN B 10 19.29 -8.70 22.88
CA ASN B 10 19.06 -7.30 23.21
C ASN B 10 19.07 -6.40 21.98
N ASN B 11 18.94 -6.96 20.78
N ASN B 11 18.94 -6.97 20.78
CA ASN B 11 18.85 -6.14 19.59
CA ASN B 11 18.88 -6.21 19.55
C ASN B 11 17.46 -6.25 18.97
C ASN B 11 17.48 -6.27 18.95
N TRP B 12 17.21 -5.36 18.02
CA TRP B 12 15.93 -5.28 17.33
C TRP B 12 15.95 -6.14 16.08
N TYR B 13 14.85 -6.84 15.83
CA TYR B 13 14.68 -7.59 14.58
C TYR B 13 13.29 -7.35 14.02
N VAL B 14 13.21 -7.37 12.69
CA VAL B 14 11.92 -7.33 12.00
C VAL B 14 11.32 -8.72 12.04
N VAL B 15 10.03 -8.80 12.38
CA VAL B 15 9.31 -10.07 12.39
C VAL B 15 8.09 -10.05 11.50
N ALA B 16 7.71 -8.90 10.93
CA ALA B 16 6.52 -8.80 10.11
C ALA B 16 6.56 -7.45 9.40
N LYS B 17 5.76 -7.35 8.33
CA LYS B 17 5.42 -6.07 7.73
C LYS B 17 4.15 -5.54 8.39
N VAL B 18 4.11 -4.23 8.63
CA VAL B 18 2.91 -3.64 9.22
C VAL B 18 1.70 -3.96 8.37
N GLU B 19 1.87 -4.05 7.05
CA GLU B 19 0.76 -4.43 6.18
C GLU B 19 0.29 -5.86 6.41
N ASP B 20 1.12 -6.73 7.03
CA ASP B 20 0.70 -8.08 7.39
C ASP B 20 -0.22 -8.11 8.61
N CYS B 21 -0.34 -7.02 9.37
CA CYS B 21 -1.03 -7.02 10.67
C CYS B 21 -2.15 -5.98 10.63
N ARG B 22 -3.30 -6.39 10.12
CA ARG B 22 -4.43 -5.47 10.08
C ARG B 22 -5.09 -5.39 11.44
N PRO B 23 -5.89 -4.35 11.68
CA PRO B 23 -6.67 -4.29 12.93
C PRO B 23 -7.52 -5.52 13.10
N GLY B 24 -7.52 -6.05 14.33
CA GLY B 24 -8.24 -7.26 14.66
C GLY B 24 -7.52 -8.56 14.33
N SER B 25 -6.35 -8.49 13.69
CA SER B 25 -5.71 -9.70 13.19
C SER B 25 -4.91 -10.39 14.29
N ILE B 26 -4.68 -11.68 14.08
CA ILE B 26 -3.74 -12.49 14.84
C ILE B 26 -2.78 -13.12 13.85
N THR B 27 -1.49 -12.91 14.07
CA THR B 27 -0.50 -13.58 13.23
C THR B 27 0.60 -14.12 14.13
N THR B 28 1.37 -15.03 13.57
CA THR B 28 2.45 -15.67 14.30
C THR B 28 3.79 -15.32 13.66
N ALA B 29 4.84 -15.43 14.46
CA ALA B 29 6.21 -15.29 13.97
C ALA B 29 7.09 -16.09 14.90
N HIS B 30 8.36 -16.23 14.53
CA HIS B 30 9.31 -16.99 15.32
C HIS B 30 10.62 -16.23 15.34
N LEU B 31 11.19 -16.06 16.53
CA LEU B 31 12.38 -15.23 16.66
C LEU B 31 13.29 -15.83 17.73
N LEU B 32 14.51 -16.19 17.33
CA LEU B 32 15.53 -16.69 18.25
C LEU B 32 14.98 -17.85 19.09
N GLY B 33 14.21 -18.72 18.45
CA GLY B 33 13.67 -19.89 19.11
C GLY B 33 12.35 -19.68 19.83
N VAL B 34 11.85 -18.45 19.91
CA VAL B 34 10.65 -18.13 20.65
C VAL B 34 9.47 -18.00 19.68
N LYS B 35 8.36 -18.65 20.01
CA LYS B 35 7.11 -18.50 19.27
C LYS B 35 6.41 -17.22 19.70
N LEU B 36 6.05 -16.39 18.73
CA LEU B 36 5.47 -15.08 18.94
C LEU B 36 4.05 -15.05 18.41
N VAL B 37 3.18 -14.31 19.11
CA VAL B 37 1.86 -13.94 18.61
C VAL B 37 1.83 -12.43 18.47
N LEU B 38 1.35 -11.95 17.33
CA LEU B 38 1.19 -10.52 17.06
C LEU B 38 -0.30 -10.25 16.90
N TRP B 39 -0.81 -9.27 17.65
CA TRP B 39 -2.24 -8.99 17.55
C TRP B 39 -2.49 -7.50 17.73
N ARG B 40 -3.63 -7.07 17.20
CA ARG B 40 -4.10 -5.69 17.34
C ARG B 40 -5.60 -5.71 17.57
N SER B 41 -6.08 -4.77 18.39
CA SER B 41 -7.53 -4.58 18.49
C SER B 41 -8.10 -4.09 17.17
N HIS B 42 -9.43 -4.20 17.04
CA HIS B 42 -10.12 -3.82 15.81
C HIS B 42 -10.18 -2.31 15.61
N GLU B 43 -9.65 -1.52 16.54
CA GLU B 43 -9.73 -0.07 16.44
C GLU B 43 -8.78 0.44 15.36
N GLN B 44 -9.15 1.59 14.77
CA GLN B 44 -8.27 2.25 13.82
C GLN B 44 -6.95 2.63 14.48
N ASN B 45 -5.85 2.32 13.79
CA ASN B 45 -4.51 2.68 14.25
C ASN B 45 -4.21 2.09 15.64
N SER B 46 -4.73 0.90 15.92
CA SER B 46 -4.41 0.25 17.18
C SER B 46 -2.95 -0.20 17.20
N PRO B 47 -2.30 -0.15 18.35
CA PRO B 47 -0.93 -0.64 18.43
C PRO B 47 -0.87 -2.15 18.27
N ILE B 48 0.31 -2.63 17.89
CA ILE B 48 0.59 -4.05 17.71
C ILE B 48 1.21 -4.58 18.99
N GLN B 49 0.61 -5.62 19.56
CA GLN B 49 1.22 -6.36 20.67
C GLN B 49 1.99 -7.55 20.12
N VAL B 50 3.16 -7.81 20.70
CA VAL B 50 3.99 -8.95 20.34
C VAL B 50 4.33 -9.66 21.65
N TRP B 51 3.79 -10.86 21.82
CA TRP B 51 3.93 -11.64 23.04
C TRP B 51 4.43 -13.03 22.71
N GLN B 52 4.97 -13.70 23.73
CA GLN B 52 5.18 -15.13 23.59
C GLN B 52 3.83 -15.82 23.41
N ASP B 53 3.78 -16.76 22.47
CA ASP B 53 2.51 -17.36 22.01
C ASP B 53 2.14 -18.48 22.97
N TYR B 54 1.65 -18.10 24.15
CA TYR B 54 1.54 -19.06 25.24
C TYR B 54 0.58 -18.54 26.30
N CYS B 55 -0.47 -19.30 26.60
CA CYS B 55 -1.32 -18.99 27.73
C CYS B 55 -0.79 -19.71 28.97
N PRO B 56 -0.41 -19.01 30.04
CA PRO B 56 0.23 -19.68 31.17
C PRO B 56 -0.72 -20.48 32.05
N HIS B 57 -2.01 -20.54 31.71
CA HIS B 57 -2.93 -21.39 32.49
C HIS B 57 -2.71 -22.87 32.18
N ARG B 58 -3.01 -23.31 30.95
CA ARG B 58 -2.80 -24.70 30.55
C ARG B 58 -2.02 -24.81 29.24
N GLY B 59 -1.28 -23.77 28.87
CA GLY B 59 -0.23 -23.90 27.89
C GLY B 59 -0.68 -23.94 26.44
N VAL B 60 -1.82 -23.31 26.13
CA VAL B 60 -2.37 -23.26 24.78
C VAL B 60 -1.81 -22.04 24.08
N PRO B 61 -1.53 -22.09 22.77
CA PRO B 61 -1.11 -20.87 22.07
C PRO B 61 -2.23 -19.84 22.04
N LEU B 62 -1.91 -18.63 22.49
CA LEU B 62 -2.87 -17.54 22.43
C LEU B 62 -3.26 -17.20 21.01
N SER B 63 -2.41 -17.54 20.03
CA SER B 63 -2.72 -17.31 18.62
C SER B 63 -3.89 -18.15 18.13
N MET B 64 -4.31 -19.15 18.89
CA MET B 64 -5.51 -19.91 18.54
C MET B 64 -6.78 -19.28 19.09
N GLY B 65 -6.66 -18.11 19.71
CA GLY B 65 -7.79 -17.41 20.30
C GLY B 65 -8.42 -16.40 19.37
N GLU B 66 -8.92 -15.31 19.95
CA GLU B 66 -9.55 -14.28 19.13
C GLU B 66 -9.41 -12.94 19.83
N VAL B 67 -9.43 -11.89 19.03
CA VAL B 67 -9.38 -10.52 19.54
C VAL B 67 -10.80 -10.09 19.83
N ALA B 68 -11.04 -9.61 21.05
CA ALA B 68 -12.36 -9.14 21.47
C ALA B 68 -12.16 -7.93 22.35
N ASN B 69 -12.79 -6.82 21.97
CA ASN B 69 -12.61 -5.52 22.63
C ASN B 69 -11.12 -5.16 22.47
N ASN B 70 -10.44 -4.73 23.52
CA ASN B 70 -9.00 -4.55 23.47
C ASN B 70 -8.29 -5.68 24.21
N THR B 71 -8.77 -6.91 24.01
CA THR B 71 -8.19 -8.07 24.68
C THR B 71 -8.00 -9.21 23.71
N LEU B 72 -7.00 -10.03 24.00
CA LEU B 72 -6.80 -11.31 23.33
C LEU B 72 -7.32 -12.41 24.25
N VAL B 73 -8.20 -13.26 23.73
CA VAL B 73 -8.95 -14.23 24.53
C VAL B 73 -8.45 -15.63 24.20
N CYS B 74 -8.00 -16.35 25.22
CA CYS B 74 -7.50 -17.69 25.00
C CYS B 74 -8.66 -18.64 24.67
N PRO B 75 -8.49 -19.54 23.70
CA PRO B 75 -9.62 -20.40 23.29
C PRO B 75 -10.03 -21.44 24.32
N TYR B 76 -9.15 -21.82 25.24
CA TYR B 76 -9.38 -23.03 26.04
C TYR B 76 -10.35 -22.75 27.19
N HIS B 77 -10.04 -21.78 28.04
CA HIS B 77 -10.94 -21.38 29.13
C HIS B 77 -11.33 -19.92 29.09
N GLY B 78 -11.06 -19.22 27.99
CA GLY B 78 -11.57 -17.88 27.79
C GLY B 78 -10.92 -16.79 28.62
N TRP B 79 -9.74 -17.03 29.19
CA TRP B 79 -9.08 -15.95 29.90
C TRP B 79 -8.80 -14.81 28.93
N ARG B 80 -9.00 -13.58 29.40
CA ARG B 80 -8.92 -12.38 28.57
C ARG B 80 -7.72 -11.54 29.00
N TYR B 81 -6.87 -11.18 28.03
CA TYR B 81 -5.63 -10.47 28.31
C TYR B 81 -5.67 -9.11 27.64
N ASN B 82 -5.40 -8.04 28.40
CA ASN B 82 -5.51 -6.71 27.84
C ASN B 82 -4.26 -6.38 27.03
N GLN B 83 -4.17 -5.15 26.54
CA GLN B 83 -3.05 -4.80 25.65
C GLN B 83 -1.71 -4.82 26.36
N ALA B 84 -1.70 -4.65 27.68
CA ALA B 84 -0.49 -4.81 28.48
C ALA B 84 -0.17 -6.26 28.82
N GLY B 85 -1.00 -7.22 28.42
CA GLY B 85 -0.73 -8.61 28.71
C GLY B 85 -1.25 -9.09 30.04
N LYS B 86 -1.96 -8.25 30.78
CA LYS B 86 -2.52 -8.62 32.06
C LYS B 86 -3.85 -9.33 31.84
N CYS B 87 -4.04 -10.46 32.51
CA CYS B 87 -5.35 -11.10 32.45
C CYS B 87 -6.36 -10.26 33.22
N VAL B 88 -7.41 -9.85 32.54
CA VAL B 88 -8.44 -8.98 33.13
C VAL B 88 -9.76 -9.70 33.38
N GLN B 89 -9.92 -10.94 32.92
CA GLN B 89 -11.16 -11.66 33.19
C GLN B 89 -10.91 -13.16 33.12
N ILE B 90 -11.32 -13.87 34.18
CA ILE B 90 -11.35 -15.33 34.21
C ILE B 90 -12.82 -15.76 34.23
N PRO B 91 -13.37 -16.24 33.12
CA PRO B 91 -14.83 -16.42 33.04
C PRO B 91 -15.39 -17.43 34.02
N ALA B 92 -14.59 -18.43 34.44
CA ALA B 92 -15.09 -19.37 35.42
C ALA B 92 -15.37 -18.69 36.76
N HIS B 93 -14.66 -17.60 37.05
CA HIS B 93 -14.72 -16.90 38.34
C HIS B 93 -14.85 -15.40 38.06
N PRO B 94 -16.01 -14.97 37.58
CA PRO B 94 -16.11 -13.62 37.00
C PRO B 94 -15.92 -12.48 38.00
N ASP B 95 -16.07 -12.72 39.29
CA ASP B 95 -15.87 -11.68 40.30
C ASP B 95 -14.49 -11.76 40.95
N MET B 96 -13.65 -12.69 40.52
CA MET B 96 -12.34 -12.89 41.14
C MET B 96 -11.28 -12.06 40.41
N VAL B 97 -10.42 -11.42 41.17
CA VAL B 97 -9.29 -10.68 40.61
C VAL B 97 -8.24 -11.70 40.18
N PRO B 98 -7.88 -11.74 38.90
CA PRO B 98 -6.90 -12.73 38.45
C PRO B 98 -5.62 -12.61 39.27
N PRO B 99 -4.98 -13.74 39.58
CA PRO B 99 -3.69 -13.67 40.29
C PRO B 99 -2.67 -12.94 39.44
N ALA B 100 -1.65 -12.41 40.13
CA ALA B 100 -0.65 -11.60 39.43
C ALA B 100 0.06 -12.39 38.34
N SER B 101 0.23 -13.69 38.55
CA SER B 101 0.90 -14.54 37.57
C SER B 101 0.14 -14.66 36.26
N ALA B 102 -1.16 -14.32 36.23
CA ALA B 102 -1.99 -14.40 35.03
C ALA B 102 -1.62 -13.23 34.13
N GLN B 103 -0.55 -13.44 33.36
CA GLN B 103 0.06 -12.36 32.58
CA GLN B 103 0.08 -12.37 32.59
C GLN B 103 0.81 -12.99 31.41
N ALA B 104 0.58 -12.46 30.21
CA ALA B 104 1.33 -12.92 29.06
C ALA B 104 2.74 -12.36 29.11
N LYS B 105 3.68 -13.10 28.53
CA LYS B 105 5.05 -12.61 28.39
C LYS B 105 5.10 -11.65 27.21
N THR B 106 5.34 -10.37 27.47
CA THR B 106 5.30 -9.35 26.42
C THR B 106 6.70 -8.90 26.04
N TYR B 107 6.86 -8.46 24.80
CA TYR B 107 8.14 -8.00 24.30
C TYR B 107 8.04 -6.58 23.76
N HIS B 108 9.20 -5.91 23.72
CA HIS B 108 9.28 -4.59 23.10
C HIS B 108 8.96 -4.68 21.62
N CYS B 109 8.10 -3.79 21.14
CA CYS B 109 7.72 -3.73 19.73
CA CYS B 109 7.82 -3.72 19.71
C CYS B 109 7.63 -2.28 19.28
N GLN B 110 8.19 -1.97 18.12
CA GLN B 110 8.06 -0.68 17.47
C GLN B 110 7.74 -0.89 16.00
N GLU B 111 6.87 -0.06 15.46
CA GLU B 111 6.68 0.05 14.03
C GLU B 111 7.59 1.15 13.49
N ARG B 112 8.42 0.82 12.50
N ARG B 112 8.42 0.81 12.51
CA ARG B 112 9.25 1.83 11.86
CA ARG B 112 9.29 1.77 11.86
C ARG B 112 9.52 1.38 10.43
C ARG B 112 9.47 1.35 10.41
N TYR B 113 9.37 2.32 9.50
CA TYR B 113 9.53 2.07 8.06
C TYR B 113 8.51 1.07 7.53
N GLY B 114 7.35 0.97 8.19
CA GLY B 114 6.33 0.00 7.79
C GLY B 114 6.66 -1.43 8.16
N LEU B 115 7.63 -1.62 9.04
CA LEU B 115 8.07 -2.93 9.48
C LEU B 115 7.83 -3.04 10.98
N VAL B 116 7.55 -4.25 11.45
CA VAL B 116 7.34 -4.53 12.87
C VAL B 116 8.66 -4.99 13.46
N TRP B 117 9.26 -4.17 14.31
CA TRP B 117 10.51 -4.48 14.99
C TRP B 117 10.24 -4.99 16.39
N VAL B 118 10.98 -6.01 16.81
CA VAL B 118 10.79 -6.64 18.12
C VAL B 118 12.15 -6.82 18.78
N CYS B 119 12.21 -6.57 20.09
CA CYS B 119 13.38 -6.88 20.89
C CYS B 119 12.94 -7.79 22.02
N LEU B 120 13.50 -9.01 22.05
CA LEU B 120 13.13 -9.98 23.07
C LEU B 120 13.71 -9.65 24.43
N GLY B 121 14.66 -8.73 24.49
CA GLY B 121 15.37 -8.45 25.72
C GLY B 121 15.22 -7.01 26.13
N ASN B 122 16.33 -6.36 26.46
CA ASN B 122 16.33 -4.95 26.85
C ASN B 122 17.15 -4.20 25.81
N PRO B 123 16.51 -3.40 24.95
CA PRO B 123 17.20 -2.87 23.77
C PRO B 123 18.26 -1.86 24.15
N VAL B 124 19.49 -2.11 23.68
CA VAL B 124 20.60 -1.21 23.93
C VAL B 124 20.84 -0.25 22.77
N ASN B 125 20.32 -0.55 21.58
CA ASN B 125 20.49 0.30 20.41
C ASN B 125 19.13 0.76 19.91
N ASP B 126 19.17 1.83 19.12
CA ASP B 126 17.96 2.23 18.41
C ASP B 126 17.78 1.35 17.19
N ILE B 127 16.56 1.35 16.66
CA ILE B 127 16.31 0.71 15.37
C ILE B 127 17.20 1.36 14.32
N PRO B 128 17.73 0.63 13.34
CA PRO B 128 18.68 1.22 12.39
C PRO B 128 18.07 2.38 11.62
N SER B 129 18.95 3.28 11.17
CA SER B 129 18.52 4.45 10.40
C SER B 129 18.29 4.09 8.94
N PHE B 130 17.39 4.83 8.30
CA PHE B 130 17.10 4.65 6.88
C PHE B 130 16.78 6.01 6.31
N PRO B 131 17.81 6.78 5.94
CA PRO B 131 17.63 8.22 5.65
C PRO B 131 16.58 8.51 4.58
N GLU B 132 16.54 7.73 3.51
CA GLU B 132 15.63 8.02 2.41
C GLU B 132 14.17 7.88 2.77
N TRP B 133 13.85 7.26 3.92
CA TRP B 133 12.45 7.08 4.32
C TRP B 133 11.69 8.40 4.26
N ASP B 134 12.32 9.48 4.71
CA ASP B 134 11.71 10.81 4.81
C ASP B 134 11.79 11.61 3.50
N ASP B 135 12.45 11.09 2.48
CA ASP B 135 12.74 11.86 1.27
C ASP B 135 11.60 11.71 0.28
N PRO B 136 10.82 12.76 -0.01
CA PRO B 136 9.72 12.63 -0.97
C PRO B 136 10.16 12.36 -2.40
N ASN B 137 11.44 12.49 -2.74
CA ASN B 137 11.90 12.11 -4.08
C ASN B 137 12.04 10.60 -4.26
N TYR B 138 11.91 9.82 -3.20
CA TYR B 138 12.07 8.37 -3.28
C TYR B 138 10.71 7.70 -3.14
N HIS B 139 10.43 6.76 -4.04
CA HIS B 139 9.33 5.82 -3.93
C HIS B 139 9.74 4.65 -3.05
N LYS B 140 8.75 3.92 -2.53
CA LYS B 140 9.06 2.73 -1.72
C LYS B 140 8.28 1.52 -2.21
N THR B 141 8.87 0.36 -1.99
CA THR B 141 8.19 -0.91 -2.21
C THR B 141 8.79 -1.93 -1.24
N TYR B 142 8.11 -3.07 -1.12
CA TYR B 142 8.49 -4.14 -0.20
C TYR B 142 8.52 -5.46 -0.96
N THR B 143 9.56 -6.26 -0.75
CA THR B 143 9.50 -7.61 -1.28
C THR B 143 8.53 -8.42 -0.42
N LYS B 144 8.14 -9.58 -0.94
CA LYS B 144 7.48 -10.51 -0.05
C LYS B 144 8.52 -11.04 0.94
N SER B 145 8.05 -11.84 1.90
CA SER B 145 8.96 -12.49 2.84
CA SER B 145 8.95 -12.49 2.85
C SER B 145 9.41 -13.83 2.28
N TYR B 146 10.69 -14.14 2.48
CA TYR B 146 11.26 -15.38 1.99
C TYR B 146 11.70 -16.24 3.15
N LEU B 147 11.09 -17.42 3.29
CA LEU B 147 11.53 -18.39 4.29
C LEU B 147 12.70 -19.20 3.73
N ILE B 148 13.83 -19.16 4.42
CA ILE B 148 15.06 -19.77 3.90
C ILE B 148 15.59 -20.75 4.93
N GLN B 149 15.79 -22.00 4.51
CA GLN B 149 16.38 -23.02 5.37
C GLN B 149 17.90 -22.86 5.36
N ALA B 150 18.35 -21.76 5.96
CA ALA B 150 19.78 -21.53 6.18
C ALA B 150 19.94 -20.62 7.38
N SER B 151 21.12 -20.67 7.99
CA SER B 151 21.39 -19.81 9.14
C SER B 151 21.22 -18.34 8.76
N PRO B 152 20.67 -17.51 9.65
CA PRO B 152 20.55 -16.08 9.31
C PRO B 152 21.90 -15.45 9.05
N PHE B 153 22.97 -15.98 9.64
CA PHE B 153 24.28 -15.39 9.39
C PHE B 153 24.84 -15.84 8.06
N ARG B 154 24.45 -17.02 7.57
CA ARG B 154 24.80 -17.38 6.20
C ARG B 154 23.99 -16.55 5.20
N VAL B 155 22.72 -16.28 5.50
CA VAL B 155 21.94 -15.40 4.62
C VAL B 155 22.63 -14.04 4.51
N MET B 156 23.04 -13.46 5.64
CA MET B 156 23.68 -12.15 5.57
C MET B 156 25.06 -12.23 4.88
N ASP B 157 25.82 -13.30 5.15
CA ASP B 157 27.10 -13.51 4.46
C ASP B 157 26.92 -13.47 2.95
N ASN B 158 25.88 -14.15 2.44
CA ASN B 158 25.61 -14.20 1.01
C ASN B 158 25.29 -12.83 0.43
N SER B 159 24.69 -11.93 1.22
CA SER B 159 24.39 -10.59 0.74
CA SER B 159 24.39 -10.59 0.74
C SER B 159 25.57 -9.63 0.88
N ILE B 160 26.58 -9.99 1.67
CA ILE B 160 27.81 -9.20 1.74
C ILE B 160 28.79 -9.59 0.64
N ASP B 161 28.75 -10.85 0.22
CA ASP B 161 29.55 -11.37 -0.88
C ASP B 161 29.23 -10.66 -2.20
N VAL B 162 30.26 -10.16 -2.91
CA VAL B 162 30.03 -9.53 -4.21
C VAL B 162 30.63 -10.32 -5.36
N SER B 163 31.62 -11.17 -5.10
CA SER B 163 32.28 -11.85 -6.21
C SER B 163 31.39 -12.90 -6.86
N HIS B 164 30.30 -13.31 -6.20
CA HIS B 164 29.42 -14.29 -6.83
C HIS B 164 28.50 -13.67 -7.89
N PHE B 165 28.40 -12.34 -7.94
CA PHE B 165 27.46 -11.69 -8.87
C PHE B 165 27.57 -12.18 -10.30
N PRO B 166 28.75 -12.28 -10.92
CA PRO B 166 28.78 -12.71 -12.33
C PRO B 166 28.37 -14.15 -12.56
N PHE B 167 28.36 -15.00 -11.54
CA PHE B 167 28.11 -16.41 -11.77
C PHE B 167 26.69 -16.87 -11.45
N ILE B 168 26.04 -16.34 -10.41
CA ILE B 168 24.65 -16.73 -10.18
C ILE B 168 23.66 -15.62 -10.44
N HIS B 169 24.11 -14.37 -10.66
CA HIS B 169 23.19 -13.28 -10.99
C HIS B 169 23.50 -12.66 -12.35
N GLU B 170 24.05 -13.45 -13.28
CA GLU B 170 24.40 -12.93 -14.60
C GLU B 170 23.18 -12.28 -15.26
N GLY B 171 23.36 -11.06 -15.75
CA GLY B 171 22.29 -10.33 -16.38
C GLY B 171 21.57 -9.33 -15.50
N ILE B 172 21.76 -9.41 -14.18
CA ILE B 172 21.21 -8.42 -13.25
C ILE B 172 22.31 -7.72 -12.46
N LEU B 173 23.26 -8.48 -11.91
CA LEU B 173 24.34 -7.91 -11.10
C LEU B 173 25.73 -8.19 -11.68
N GLY B 174 25.83 -8.72 -12.88
CA GLY B 174 27.13 -8.98 -13.45
C GLY B 174 27.01 -9.84 -14.70
N ASP B 175 28.16 -10.21 -15.24
CA ASP B 175 28.18 -11.23 -16.27
C ASP B 175 29.58 -11.82 -16.32
N ARG B 176 29.67 -13.02 -16.90
CA ARG B 176 30.87 -13.82 -16.79
C ARG B 176 32.03 -13.23 -17.59
N ASN B 177 31.75 -12.34 -18.54
CA ASN B 177 32.82 -11.62 -19.21
C ASN B 177 33.39 -10.49 -18.37
N HIS B 178 32.86 -10.25 -17.17
CA HIS B 178 33.35 -9.20 -16.29
C HIS B 178 33.43 -9.71 -14.85
N ALA B 179 34.19 -10.77 -14.64
CA ALA B 179 34.20 -11.48 -13.36
C ALA B 179 35.29 -11.02 -12.41
N GLU B 180 36.29 -10.28 -12.88
CA GLU B 180 37.36 -9.84 -11.99
C GLU B 180 36.82 -8.85 -10.96
N VAL B 181 37.32 -8.93 -9.74
CA VAL B 181 36.83 -8.08 -8.65
C VAL B 181 37.95 -7.14 -8.24
N GLU B 182 37.66 -5.85 -8.26
CA GLU B 182 38.61 -4.81 -7.86
C GLU B 182 38.95 -4.93 -6.37
N ASP B 183 40.00 -4.23 -5.96
CA ASP B 183 40.33 -4.13 -4.54
C ASP B 183 39.14 -3.53 -3.79
N LEU B 184 38.72 -4.22 -2.73
CA LEU B 184 37.56 -3.78 -1.97
C LEU B 184 37.97 -2.91 -0.79
N GLU B 185 37.14 -1.92 -0.49
CA GLU B 185 37.32 -1.08 0.69
C GLU B 185 36.40 -1.59 1.80
N VAL B 186 36.98 -2.01 2.92
CA VAL B 186 36.25 -2.59 4.03
C VAL B 186 36.67 -1.89 5.32
N LYS B 187 35.70 -1.51 6.15
CA LYS B 187 35.98 -0.91 7.44
C LYS B 187 35.06 -1.49 8.50
N VAL B 188 35.60 -1.85 9.66
CA VAL B 188 34.80 -2.21 10.82
C VAL B 188 35.19 -1.31 11.99
N ASP B 189 34.18 -0.66 12.55
CA ASP B 189 34.38 0.30 13.64
C ASP B 189 33.08 0.43 14.42
N LYS B 190 32.91 1.54 15.13
CA LYS B 190 31.71 1.71 15.92
C LYS B 190 30.46 1.93 15.05
N ASP B 191 30.63 2.33 13.79
CA ASP B 191 29.49 2.35 12.89
C ASP B 191 29.08 0.96 12.43
N GLY B 192 29.88 -0.06 12.72
CA GLY B 192 29.65 -1.41 12.21
C GLY B 192 30.59 -1.75 11.06
N LEU B 193 30.08 -2.51 10.10
CA LEU B 193 30.85 -2.97 8.95
CA LEU B 193 30.84 -2.97 8.96
C LEU B 193 30.40 -2.20 7.71
N THR B 194 31.35 -1.58 7.01
CA THR B 194 31.06 -0.84 5.79
C THR B 194 31.90 -1.37 4.64
N MET B 195 31.25 -1.67 3.52
CA MET B 195 31.94 -1.85 2.25
C MET B 195 31.86 -0.53 1.48
N GLY B 196 33.02 0.00 1.11
CA GLY B 196 33.06 1.24 0.36
C GLY B 196 32.63 1.04 -1.08
N LYS B 197 32.53 2.16 -1.79
CA LYS B 197 31.96 2.14 -3.13
C LYS B 197 32.70 1.17 -4.04
N TYR B 198 31.92 0.38 -4.79
CA TYR B 198 32.38 -0.74 -5.59
C TYR B 198 31.70 -0.69 -6.95
N GLN B 199 32.44 -1.00 -8.01
CA GLN B 199 31.88 -1.03 -9.36
C GLN B 199 31.20 -2.37 -9.63
N VAL B 200 29.90 -2.32 -9.96
CA VAL B 200 29.11 -3.48 -10.34
C VAL B 200 28.86 -3.43 -11.84
N HIS B 201 29.02 -4.56 -12.52
CA HIS B 201 28.92 -4.55 -13.97
C HIS B 201 27.59 -5.10 -14.47
N THR B 202 27.15 -4.59 -15.61
CA THR B 202 25.90 -5.01 -16.23
C THR B 202 25.91 -4.70 -17.72
N ASP B 211 29.60 3.95 -18.98
CA ASP B 211 29.79 2.53 -19.31
C ASP B 211 28.65 1.67 -18.73
N ASP B 212 28.72 0.35 -18.96
CA ASP B 212 27.68 -0.57 -18.45
C ASP B 212 28.03 -0.94 -17.02
N SER B 213 27.85 -0.02 -16.09
CA SER B 213 28.29 -0.28 -14.70
C SER B 213 27.47 0.51 -13.68
N MET B 214 27.51 0.09 -12.42
CA MET B 214 26.83 0.77 -11.32
C MET B 214 27.80 0.84 -10.15
N VAL B 215 27.56 1.78 -9.25
CA VAL B 215 28.38 1.97 -8.06
C VAL B 215 27.56 1.57 -6.85
N ASN B 216 28.08 0.63 -6.07
CA ASN B 216 27.39 0.08 -4.92
C ASN B 216 28.24 0.25 -3.67
N TRP B 217 27.56 0.47 -2.54
CA TRP B 217 28.19 0.33 -1.22
C TRP B 217 27.12 -0.11 -0.24
N PHE B 218 27.55 -0.56 0.94
CA PHE B 218 26.57 -0.95 1.95
C PHE B 218 27.19 -0.87 3.34
N ARG B 219 26.32 -0.92 4.36
CA ARG B 219 26.76 -0.80 5.74
C ARG B 219 25.85 -1.62 6.64
N LEU B 220 26.43 -2.33 7.61
CA LEU B 220 25.68 -3.01 8.66
C LEU B 220 26.03 -2.37 10.00
N SER B 221 25.04 -1.71 10.61
CA SER B 221 25.21 -1.27 12.00
C SER B 221 25.16 -2.45 12.95
N HIS B 222 24.43 -3.50 12.58
CA HIS B 222 24.28 -4.69 13.40
C HIS B 222 24.23 -5.87 12.47
N PRO B 223 24.50 -7.09 12.97
CA PRO B 223 24.87 -8.20 12.08
C PRO B 223 23.76 -8.68 11.15
N LEU B 224 22.50 -8.38 11.44
CA LEU B 224 21.42 -8.95 10.63
C LEU B 224 20.57 -7.88 9.94
N CYS B 225 21.11 -6.67 9.78
CA CYS B 225 20.40 -5.63 9.04
C CYS B 225 21.42 -4.86 8.22
N GLN B 226 21.12 -4.67 6.93
CA GLN B 226 22.09 -4.09 6.02
C GLN B 226 21.44 -2.94 5.27
N TYR B 227 22.14 -1.81 5.18
CA TYR B 227 21.71 -0.68 4.37
C TYR B 227 22.54 -0.67 3.09
N CYS B 228 21.88 -0.64 1.94
CA CYS B 228 22.55 -0.86 0.66
C CYS B 228 22.20 0.26 -0.29
N SER B 229 23.19 0.75 -1.03
CA SER B 229 23.00 1.93 -1.87
C SER B 229 23.65 1.70 -3.22
N THR B 230 22.90 1.96 -4.30
CA THR B 230 23.40 1.75 -5.65
C THR B 230 23.06 2.96 -6.50
N GLU B 231 24.05 3.46 -7.24
CA GLU B 231 23.83 4.59 -8.15
C GLU B 231 24.14 4.16 -9.57
N ALA B 232 23.23 4.44 -10.49
CA ALA B 232 23.48 4.14 -11.89
C ALA B 232 22.64 5.08 -12.74
N SER B 233 23.28 5.76 -13.69
CA SER B 233 22.58 6.61 -14.66
C SER B 233 21.70 7.63 -13.95
N GLU B 234 22.29 8.31 -12.96
CA GLU B 234 21.63 9.36 -12.19
C GLU B 234 20.47 8.88 -11.30
N MET B 235 20.08 7.60 -11.38
CA MET B 235 19.08 7.05 -10.47
C MET B 235 19.75 6.29 -9.33
N ARG B 236 19.20 6.44 -8.14
CA ARG B 236 19.72 5.81 -6.93
C ARG B 236 18.68 4.85 -6.38
N THR B 237 19.13 3.64 -6.02
CA THR B 237 18.27 2.65 -5.38
C THR B 237 18.90 2.27 -4.04
N VAL B 238 18.12 2.37 -2.96
CA VAL B 238 18.61 2.01 -1.63
C VAL B 238 17.69 0.93 -1.09
N ASP B 239 18.22 0.09 -0.21
CA ASP B 239 17.29 -0.77 0.49
C ASP B 239 17.76 -1.01 1.91
N LEU B 240 16.80 -1.42 2.73
CA LEU B 240 17.04 -1.96 4.06
C LEU B 240 16.76 -3.45 3.98
N MET B 241 17.80 -4.24 4.18
CA MET B 241 17.70 -5.70 4.24
C MET B 241 17.57 -6.13 5.68
N VAL B 242 16.52 -6.89 5.98
CA VAL B 242 16.29 -7.31 7.36
C VAL B 242 16.12 -8.82 7.38
N VAL B 243 16.95 -9.48 8.18
CA VAL B 243 16.92 -10.93 8.33
C VAL B 243 16.30 -11.25 9.68
N THR B 244 15.30 -12.12 9.67
CA THR B 244 14.69 -12.58 10.92
C THR B 244 15.38 -13.85 11.33
N PRO B 245 16.09 -13.88 12.44
CA PRO B 245 16.73 -15.13 12.85
C PRO B 245 15.72 -16.02 13.56
N ILE B 246 15.05 -16.89 12.80
CA ILE B 246 14.03 -17.78 13.38
C ILE B 246 14.64 -18.67 14.45
N ASP B 247 15.77 -19.28 14.13
CA ASP B 247 16.59 -20.04 15.06
C ASP B 247 17.98 -20.14 14.43
N GLU B 248 18.78 -21.09 14.87
CA GLU B 248 20.15 -21.14 14.39
C GLU B 248 20.24 -21.51 12.92
N ASP B 249 19.20 -22.14 12.37
CA ASP B 249 19.32 -22.80 11.08
C ASP B 249 18.31 -22.31 10.05
N ASN B 250 17.52 -21.29 10.39
CA ASN B 250 16.38 -20.89 9.56
C ASN B 250 16.22 -19.38 9.64
N SER B 251 15.76 -18.79 8.54
CA SER B 251 15.71 -17.33 8.42
C SER B 251 14.45 -16.91 7.70
N VAL B 252 14.02 -15.68 7.97
CA VAL B 252 13.14 -14.96 7.07
C VAL B 252 13.91 -13.79 6.49
N LEU B 253 13.69 -13.51 5.20
CA LEU B 253 14.39 -12.42 4.52
C LEU B 253 13.36 -11.46 3.95
N ARG B 254 13.56 -10.16 4.20
CA ARG B 254 12.70 -9.12 3.67
C ARG B 254 13.57 -7.93 3.25
N TYR B 255 13.13 -7.21 2.22
CA TYR B 255 13.76 -5.95 1.84
C TYR B 255 12.72 -4.85 1.77
N LEU B 256 13.10 -3.67 2.24
CA LEU B 256 12.39 -2.43 1.97
C LEU B 256 13.26 -1.67 0.97
N ILE B 257 12.69 -1.33 -0.18
CA ILE B 257 13.46 -0.75 -1.29
C ILE B 257 12.91 0.64 -1.58
N MET B 258 13.81 1.60 -1.80
CA MET B 258 13.40 2.92 -2.22
C MET B 258 14.28 3.36 -3.39
N TRP B 259 13.69 4.13 -4.29
CA TRP B 259 14.41 4.56 -5.47
C TRP B 259 13.84 5.88 -5.94
N ASN B 260 14.66 6.67 -6.62
CA ASN B 260 14.22 8.01 -7.03
C ASN B 260 13.98 8.13 -8.54
N GLY B 261 13.90 7.01 -9.25
CA GLY B 261 13.49 7.01 -10.65
C GLY B 261 11.99 6.83 -10.82
N SER B 262 11.59 6.38 -12.01
CA SER B 262 10.18 6.29 -12.36
C SER B 262 9.42 5.30 -11.48
N LYS B 263 8.18 5.68 -11.14
CA LYS B 263 7.29 4.79 -10.41
CA LYS B 263 7.31 4.77 -10.41
C LYS B 263 7.07 3.48 -11.17
N THR B 264 7.12 3.52 -12.51
CA THR B 264 6.91 2.32 -13.31
C THR B 264 8.02 1.29 -13.17
N LEU B 265 9.15 1.64 -12.56
CA LEU B 265 10.20 0.65 -12.33
C LEU B 265 9.85 -0.36 -11.25
N GLU B 266 8.79 -0.11 -10.46
CA GLU B 266 8.52 -0.90 -9.26
C GLU B 266 8.40 -2.40 -9.56
N SER B 267 7.56 -2.76 -10.52
CA SER B 267 7.39 -4.19 -10.80
C SER B 267 8.68 -4.81 -11.34
N LYS B 268 9.48 -4.03 -12.07
CA LYS B 268 10.76 -4.50 -12.57
C LYS B 268 11.75 -4.69 -11.42
N ILE B 269 11.79 -3.75 -10.50
CA ILE B 269 12.62 -3.89 -9.31
C ILE B 269 12.21 -5.14 -8.54
N LEU B 270 10.91 -5.30 -8.28
CA LEU B 270 10.43 -6.46 -7.55
C LEU B 270 10.78 -7.76 -8.25
N ALA B 271 10.64 -7.79 -9.59
CA ALA B 271 11.01 -8.98 -10.35
C ALA B 271 12.51 -9.26 -10.27
N ASP B 272 13.34 -8.22 -10.37
CA ASP B 272 14.78 -8.44 -10.29
C ASP B 272 15.17 -8.96 -8.92
N TYR B 273 14.60 -8.39 -7.85
CA TYR B 273 14.93 -8.88 -6.51
C TYR B 273 14.50 -10.33 -6.35
N ASP B 274 13.31 -10.68 -6.85
CA ASP B 274 12.83 -12.05 -6.70
C ASP B 274 13.74 -13.02 -7.44
N GLN B 275 14.20 -12.65 -8.64
CA GLN B 275 15.12 -13.53 -9.36
C GLN B 275 16.43 -13.69 -8.61
N VAL B 276 17.00 -12.57 -8.16
N VAL B 276 17.00 -12.57 -8.16
CA VAL B 276 18.28 -12.60 -7.44
CA VAL B 276 18.28 -12.60 -7.44
C VAL B 276 18.16 -13.40 -6.14
C VAL B 276 18.16 -13.40 -6.14
N ILE B 277 17.09 -13.14 -5.38
CA ILE B 277 16.90 -13.86 -4.12
C ILE B 277 16.76 -15.36 -4.35
N GLU B 278 16.00 -15.75 -5.37
CA GLU B 278 15.88 -17.18 -5.63
C GLU B 278 17.19 -17.79 -6.13
N GLU B 279 17.99 -17.02 -6.89
CA GLU B 279 19.31 -17.49 -7.29
C GLU B 279 20.18 -17.72 -6.07
N ASP B 280 20.08 -16.82 -5.08
CA ASP B 280 20.83 -16.98 -3.83
C ASP B 280 20.31 -18.14 -2.99
N ILE B 281 18.99 -18.32 -2.92
CA ILE B 281 18.44 -19.41 -2.11
C ILE B 281 18.92 -20.76 -2.62
N ARG B 282 19.02 -20.90 -3.96
N ARG B 282 19.02 -20.91 -3.95
CA ARG B 282 19.56 -22.14 -4.51
CA ARG B 282 19.56 -22.16 -4.48
C ARG B 282 20.92 -22.47 -3.92
C ARG B 282 20.91 -22.47 -3.88
N ILE B 283 21.78 -21.46 -3.78
CA ILE B 283 23.11 -21.67 -3.19
C ILE B 283 23.01 -21.85 -1.67
N LEU B 284 22.27 -20.96 -1.00
CA LEU B 284 22.17 -20.99 0.46
C LEU B 284 21.68 -22.35 0.96
N HIS B 285 20.65 -22.91 0.33
CA HIS B 285 20.10 -24.19 0.80
C HIS B 285 21.11 -25.32 0.65
N SER B 286 22.07 -25.17 -0.24
CA SER B 286 23.02 -26.24 -0.51
C SER B 286 24.26 -26.17 0.36
N GLN B 287 24.49 -25.05 1.04
CA GLN B 287 25.76 -24.86 1.72
C GLN B 287 25.86 -25.70 2.98
N GLN B 288 27.04 -26.28 3.20
CA GLN B 288 27.33 -27.00 4.43
C GLN B 288 28.66 -26.54 4.99
N PRO B 289 28.78 -26.41 6.32
CA PRO B 289 27.68 -26.62 7.27
C PRO B 289 26.61 -25.54 7.18
N THR B 290 25.45 -25.85 7.75
CA THR B 290 24.32 -24.92 7.74
C THR B 290 24.69 -23.60 8.43
N ARG B 291 25.36 -23.69 9.57
CA ARG B 291 25.71 -22.49 10.30
C ARG B 291 26.97 -21.87 9.72
N LEU B 292 27.10 -20.57 9.87
CA LEU B 292 28.21 -19.83 9.27
C LEU B 292 29.52 -20.16 10.00
N PRO B 293 30.55 -20.65 9.32
CA PRO B 293 31.84 -20.90 9.99
C PRO B 293 32.54 -19.58 10.29
N LEU B 294 33.01 -19.43 11.52
CA LEU B 294 33.81 -18.27 11.86
C LEU B 294 35.28 -18.55 11.55
N LEU B 295 36.14 -17.54 11.76
CA LEU B 295 37.60 -17.72 11.52
C LEU B 295 38.21 -18.52 12.67
N SER B 296 39.33 -19.18 12.43
CA SER B 296 39.89 -20.08 13.47
C SER B 296 41.32 -19.70 13.88
N PRO B 297 41.60 -19.52 15.18
CA PRO B 297 42.94 -19.23 15.67
C PRO B 297 43.59 -20.45 16.32
N LEU B 305 34.57 -31.74 7.05
CA LEU B 305 34.63 -30.78 5.95
C LEU B 305 35.82 -29.84 6.12
N PRO B 306 36.54 -29.57 5.04
CA PRO B 306 37.72 -28.71 5.14
C PRO B 306 37.31 -27.27 5.45
N GLN B 307 38.22 -26.54 6.09
CA GLN B 307 37.94 -25.16 6.44
C GLN B 307 37.82 -24.30 5.20
N GLU B 308 37.02 -23.24 5.31
CA GLU B 308 36.86 -22.31 4.21
C GLU B 308 38.21 -21.78 3.73
N ILE B 309 38.25 -21.38 2.46
CA ILE B 309 39.38 -20.66 1.87
C ILE B 309 38.96 -19.22 1.63
N HIS B 310 39.90 -18.29 1.82
CA HIS B 310 39.61 -16.88 1.61
C HIS B 310 40.62 -16.29 0.61
N VAL B 311 40.12 -15.56 -0.38
CA VAL B 311 40.95 -14.84 -1.35
C VAL B 311 40.68 -13.35 -1.20
N PRO B 312 41.46 -12.46 -1.84
CA PRO B 312 41.27 -11.01 -1.60
C PRO B 312 39.85 -10.51 -1.78
N SER B 313 39.13 -11.00 -2.80
CA SER B 313 37.76 -10.53 -3.00
C SER B 313 36.81 -11.00 -1.89
N ASP B 314 37.27 -11.81 -0.94
CA ASP B 314 36.49 -12.18 0.22
C ASP B 314 36.70 -11.23 1.39
N ARG B 315 37.36 -10.08 1.17
CA ARG B 315 37.75 -9.25 2.31
C ARG B 315 36.56 -8.84 3.18
N CYS B 316 35.40 -8.58 2.58
N CYS B 316 35.41 -8.54 2.58
CA CYS B 316 34.27 -8.12 3.39
CA CYS B 316 34.25 -8.13 3.37
C CYS B 316 33.51 -9.26 4.07
C CYS B 316 33.65 -9.31 4.14
N THR B 317 33.51 -10.46 3.49
CA THR B 317 32.90 -11.60 4.18
C THR B 317 33.83 -12.15 5.26
N VAL B 318 35.15 -12.05 5.05
CA VAL B 318 36.08 -12.34 6.13
C VAL B 318 35.87 -11.36 7.28
N ALA B 319 35.70 -10.08 6.96
CA ALA B 319 35.50 -9.08 8.00
C ALA B 319 34.21 -9.33 8.75
N TYR B 320 33.19 -9.84 8.06
CA TYR B 320 31.94 -10.17 8.73
C TYR B 320 32.14 -11.27 9.77
N ARG B 321 32.83 -12.35 9.37
CA ARG B 321 33.13 -13.43 10.31
C ARG B 321 33.94 -12.91 11.49
N ARG B 322 34.95 -12.07 11.22
CA ARG B 322 35.76 -11.52 12.30
C ARG B 322 34.89 -10.72 13.26
N TRP B 323 33.97 -9.90 12.71
CA TRP B 323 33.08 -9.08 13.51
C TRP B 323 32.19 -9.93 14.40
N LEU B 324 31.60 -10.99 13.83
CA LEU B 324 30.71 -11.82 14.62
C LEU B 324 31.44 -12.46 15.80
N LYS B 325 32.67 -12.90 15.60
CA LYS B 325 33.42 -13.45 16.73
C LYS B 325 33.69 -12.37 17.75
N GLU B 326 34.14 -11.21 17.30
CA GLU B 326 34.43 -10.10 18.21
C GLU B 326 33.20 -9.72 19.03
N LEU B 327 32.01 -9.82 18.43
CA LEU B 327 30.79 -9.54 19.18
C LEU B 327 30.39 -10.65 20.13
N GLY B 328 30.99 -11.84 20.01
CA GLY B 328 30.62 -12.95 20.86
C GLY B 328 29.41 -13.74 20.39
N VAL B 329 29.14 -13.76 19.09
CA VAL B 329 28.04 -14.55 18.55
C VAL B 329 28.45 -16.02 18.52
N THR B 330 27.62 -16.87 19.12
CA THR B 330 27.78 -18.32 19.08
C THR B 330 26.55 -19.02 18.50
N TYR B 331 25.46 -18.30 18.35
CA TYR B 331 24.18 -18.84 17.89
C TYR B 331 24.09 -18.69 16.38
N GLY B 332 23.80 -19.79 15.66
CA GLY B 332 23.73 -19.74 14.20
C GLY B 332 25.07 -19.72 13.48
N VAL B 333 26.18 -19.90 14.21
CA VAL B 333 27.52 -19.93 13.64
C VAL B 333 28.20 -21.16 14.18
N CYS B 334 29.36 -21.48 13.61
N CYS B 334 29.36 -21.47 13.62
CA CYS B 334 30.16 -22.63 14.03
CA CYS B 334 30.14 -22.63 14.07
C CYS B 334 31.66 -22.36 13.89
C CYS B 334 31.61 -22.46 13.69
N THR C 2 -3.67 -2.50 -33.49
CA THR C 2 -3.40 -3.94 -33.52
C THR C 2 -3.98 -4.58 -34.79
N THR C 3 -3.14 -5.34 -35.50
CA THR C 3 -3.58 -6.14 -36.63
C THR C 3 -3.88 -7.58 -36.24
N ALA C 4 -3.99 -7.87 -34.95
CA ALA C 4 -4.23 -9.24 -34.50
C ALA C 4 -5.62 -9.71 -34.93
N ASP C 5 -5.72 -11.01 -35.21
CA ASP C 5 -7.00 -11.61 -35.56
C ASP C 5 -7.97 -11.51 -34.40
N LEU C 6 -9.27 -11.45 -34.73
CA LEU C 6 -10.29 -11.37 -33.68
C LEU C 6 -10.20 -12.54 -32.72
N ILE C 7 -9.88 -13.73 -33.23
CA ILE C 7 -9.84 -14.90 -32.36
C ILE C 7 -8.75 -14.71 -31.29
N LEU C 8 -7.68 -13.96 -31.61
CA LEU C 8 -6.66 -13.65 -30.61
C LEU C 8 -7.11 -12.50 -29.70
N ILE C 9 -7.70 -11.45 -30.27
CA ILE C 9 -8.13 -10.29 -29.49
C ILE C 9 -9.11 -10.69 -28.39
N ASN C 10 -9.97 -11.67 -28.68
CA ASN C 10 -11.05 -12.05 -27.78
C ASN C 10 -10.65 -13.12 -26.77
N ASN C 11 -9.35 -13.35 -26.66
CA ASN C 11 -8.85 -14.35 -25.70
C ASN C 11 -8.15 -13.66 -24.53
N TRP C 12 -7.92 -14.40 -23.46
CA TRP C 12 -7.22 -13.92 -22.28
C TRP C 12 -5.73 -14.24 -22.34
N TYR C 13 -4.89 -13.29 -21.91
CA TYR C 13 -3.44 -13.48 -21.85
C TYR C 13 -2.90 -12.94 -20.54
N VAL C 14 -1.86 -13.60 -20.03
CA VAL C 14 -1.17 -13.12 -18.83
C VAL C 14 -0.24 -11.98 -19.24
N VAL C 15 -0.27 -10.89 -18.47
CA VAL C 15 0.64 -9.78 -18.70
C VAL C 15 1.50 -9.45 -17.48
N ALA C 16 1.24 -10.03 -16.31
CA ALA C 16 2.01 -9.75 -15.11
C ALA C 16 1.66 -10.79 -14.04
N LYS C 17 2.52 -10.87 -13.02
CA LYS C 17 2.20 -11.59 -11.79
C LYS C 17 1.51 -10.65 -10.82
N VAL C 18 0.47 -11.14 -10.13
CA VAL C 18 -0.24 -10.30 -9.19
C VAL C 18 0.70 -9.75 -8.13
N GLU C 19 1.63 -10.59 -7.65
CA GLU C 19 2.50 -10.19 -6.56
C GLU C 19 3.44 -9.05 -6.92
N ASP C 20 3.58 -8.72 -8.21
CA ASP C 20 4.44 -7.63 -8.64
C ASP C 20 3.66 -6.35 -8.85
N CYS C 21 2.37 -6.34 -8.52
CA CYS C 21 1.46 -5.22 -8.75
CA CYS C 21 1.44 -5.24 -8.76
C CYS C 21 0.86 -4.84 -7.41
N ARG C 22 1.59 -4.03 -6.65
CA ARG C 22 1.22 -3.66 -5.30
C ARG C 22 0.18 -2.54 -5.30
N PRO C 23 -0.51 -2.32 -4.18
CA PRO C 23 -1.45 -1.20 -4.14
C PRO C 23 -0.72 0.12 -4.37
N GLY C 24 -1.35 0.98 -5.17
CA GLY C 24 -0.75 2.24 -5.54
C GLY C 24 0.24 2.17 -6.68
N SER C 25 0.44 1.00 -7.26
CA SER C 25 1.51 0.84 -8.24
C SER C 25 1.01 1.16 -9.65
N ILE C 26 1.98 1.41 -10.53
CA ILE C 26 1.78 1.67 -11.95
C ILE C 26 2.77 0.80 -12.70
N THR C 27 2.27 -0.08 -13.56
CA THR C 27 3.07 -1.07 -14.27
C THR C 27 2.82 -0.93 -15.76
N THR C 28 3.84 -1.11 -16.59
CA THR C 28 3.65 -1.11 -18.04
C THR C 28 3.79 -2.52 -18.58
N ALA C 29 3.06 -2.79 -19.67
CA ALA C 29 3.15 -4.06 -20.38
C ALA C 29 2.77 -3.80 -21.84
N HIS C 30 2.96 -4.83 -22.67
CA HIS C 30 2.61 -4.77 -24.09
C HIS C 30 1.87 -6.04 -24.47
N LEU C 31 0.80 -5.89 -25.26
CA LEU C 31 0.01 -7.05 -25.64
C LEU C 31 -0.58 -6.85 -27.02
N LEU C 32 -0.28 -7.78 -27.93
CA LEU C 32 -0.79 -7.74 -29.31
C LEU C 32 -0.60 -6.37 -29.95
N GLY C 33 0.58 -5.79 -29.75
CA GLY C 33 0.91 -4.50 -30.32
C GLY C 33 0.43 -3.30 -29.53
N VAL C 34 -0.26 -3.49 -28.42
CA VAL C 34 -0.88 -2.40 -27.66
C VAL C 34 -0.07 -2.13 -26.42
N LYS C 35 0.22 -0.84 -26.14
CA LYS C 35 0.87 -0.45 -24.89
C LYS C 35 -0.15 -0.33 -23.76
N LEU C 36 0.12 -1.02 -22.65
CA LEU C 36 -0.82 -1.11 -21.54
C LEU C 36 -0.25 -0.42 -20.31
N VAL C 37 -1.14 0.16 -19.51
CA VAL C 37 -0.82 0.58 -18.14
C VAL C 37 -1.71 -0.22 -17.19
N LEU C 38 -1.10 -0.76 -16.14
CA LEU C 38 -1.81 -1.49 -15.09
C LEU C 38 -1.64 -0.68 -13.80
N TRP C 39 -2.74 -0.35 -13.14
CA TRP C 39 -2.60 0.43 -11.92
C TRP C 39 -3.61 -0.03 -10.87
N ARG C 40 -3.25 0.21 -9.61
CA ARG C 40 -4.10 -0.08 -8.46
C ARG C 40 -4.16 1.10 -7.52
N SER C 41 -5.33 1.30 -6.91
CA SER C 41 -5.41 2.29 -5.83
C SER C 41 -4.63 1.78 -4.62
N HIS C 42 -4.40 2.68 -3.68
CA HIS C 42 -3.57 2.34 -2.49
C HIS C 42 -4.37 1.49 -1.50
N GLU C 43 -5.66 1.37 -1.73
CA GLU C 43 -6.50 0.55 -0.84
C GLU C 43 -6.06 -0.91 -0.95
N GLN C 44 -6.02 -1.61 0.17
CA GLN C 44 -5.66 -3.03 0.00
C GLN C 44 -6.83 -3.79 -0.63
N ASN C 45 -6.53 -4.88 -1.31
CA ASN C 45 -7.48 -5.62 -2.13
C ASN C 45 -8.09 -4.79 -3.24
N SER C 46 -7.48 -3.64 -3.56
CA SER C 46 -7.95 -2.86 -4.69
C SER C 46 -7.81 -3.67 -5.98
N PRO C 47 -8.72 -3.50 -6.92
CA PRO C 47 -8.61 -4.22 -8.20
C PRO C 47 -7.53 -3.59 -9.06
N ILE C 48 -7.15 -4.31 -10.11
CA ILE C 48 -6.19 -3.84 -11.11
C ILE C 48 -6.95 -3.31 -12.32
N GLN C 49 -6.67 -2.06 -12.69
CA GLN C 49 -7.15 -1.50 -13.94
C GLN C 49 -6.10 -1.75 -15.03
N VAL C 50 -6.55 -2.09 -16.23
CA VAL C 50 -5.67 -2.29 -17.37
C VAL C 50 -6.23 -1.47 -18.52
N TRP C 51 -5.49 -0.45 -18.94
CA TRP C 51 -5.91 0.50 -19.96
C TRP C 51 -4.84 0.65 -21.02
N GLN C 52 -5.22 1.18 -22.17
CA GLN C 52 -4.22 1.62 -23.13
C GLN C 52 -3.44 2.78 -22.50
N ASP C 53 -2.12 2.75 -22.65
CA ASP C 53 -1.25 3.68 -21.91
C ASP C 53 -1.15 4.98 -22.70
N TYR C 54 -2.19 5.81 -22.57
CA TYR C 54 -2.32 6.95 -23.47
C TYR C 54 -3.33 7.94 -22.94
N CYS C 55 -2.89 9.18 -22.74
CA CYS C 55 -3.79 10.26 -22.36
C CYS C 55 -4.30 10.94 -23.62
N PRO C 56 -5.60 10.97 -23.87
CA PRO C 56 -6.14 11.51 -25.12
C PRO C 56 -6.09 13.01 -25.23
N HIS C 57 -5.60 13.72 -24.22
CA HIS C 57 -5.45 15.17 -24.32
C HIS C 57 -4.30 15.56 -25.24
N ARG C 58 -3.05 15.27 -24.84
CA ARG C 58 -1.88 15.60 -25.64
C ARG C 58 -0.98 14.39 -25.83
N GLY C 59 -1.52 13.18 -25.68
CA GLY C 59 -0.84 11.99 -26.12
C GLY C 59 0.31 11.53 -25.26
N VAL C 60 0.27 11.81 -23.97
CA VAL C 60 1.31 11.40 -23.02
C VAL C 60 0.95 10.04 -22.45
N PRO C 61 1.91 9.15 -22.15
CA PRO C 61 1.58 7.91 -21.44
C PRO C 61 1.06 8.20 -20.03
N LEU C 62 -0.13 7.65 -19.73
CA LEU C 62 -0.64 7.78 -18.37
C LEU C 62 0.25 7.10 -17.35
N SER C 63 1.03 6.11 -17.79
CA SER C 63 1.93 5.41 -16.87
C SER C 63 3.01 6.33 -16.32
N MET C 64 3.23 7.52 -16.91
CA MET C 64 4.16 8.47 -16.33
C MET C 64 3.56 9.30 -15.21
N GLY C 65 2.33 9.02 -14.81
CA GLY C 65 1.61 9.82 -13.83
C GLY C 65 1.71 9.26 -12.42
N GLU C 66 0.62 9.40 -11.68
CA GLU C 66 0.61 8.99 -10.27
C GLU C 66 -0.79 8.54 -9.90
N VAL C 67 -0.87 7.69 -8.90
CA VAL C 67 -2.15 7.18 -8.40
C VAL C 67 -2.47 7.97 -7.15
N ALA C 68 -3.63 8.62 -7.13
CA ALA C 68 -4.03 9.39 -5.96
C ALA C 68 -5.55 9.39 -5.86
N ASN C 69 -6.06 9.14 -4.66
CA ASN C 69 -7.51 9.20 -4.40
C ASN C 69 -8.29 8.33 -5.39
N ASN C 70 -7.81 7.12 -5.63
CA ASN C 70 -8.47 6.15 -6.52
C ASN C 70 -8.67 6.73 -7.93
N THR C 71 -7.69 7.50 -8.39
CA THR C 71 -7.64 7.93 -9.79
C THR C 71 -6.22 7.77 -10.30
N LEU C 72 -6.09 7.61 -11.61
CA LEU C 72 -4.78 7.72 -12.25
C LEU C 72 -4.66 9.13 -12.84
N VAL C 73 -3.56 9.81 -12.50
CA VAL C 73 -3.42 11.24 -12.78
C VAL C 73 -2.36 11.41 -13.87
N CYS C 74 -2.74 12.01 -15.00
CA CYS C 74 -1.76 12.28 -16.07
C CYS C 74 -0.72 13.30 -15.59
N PRO C 75 0.58 13.09 -15.93
CA PRO C 75 1.61 14.00 -15.41
C PRO C 75 1.63 15.36 -16.08
N TYR C 76 1.06 15.48 -17.28
CA TYR C 76 1.30 16.68 -18.09
C TYR C 76 0.40 17.83 -17.66
N HIS C 77 -0.93 17.61 -17.66
CA HIS C 77 -1.84 18.63 -17.16
C HIS C 77 -2.71 18.13 -16.01
N GLY C 78 -2.40 16.96 -15.44
CA GLY C 78 -3.06 16.55 -14.21
C GLY C 78 -4.49 16.07 -14.33
N TRP C 79 -4.97 15.75 -15.54
CA TRP C 79 -6.31 15.18 -15.64
C TRP C 79 -6.35 13.87 -14.86
N ARG C 80 -7.44 13.66 -14.14
CA ARG C 80 -7.60 12.53 -13.24
C ARG C 80 -8.67 11.59 -13.77
N TYR C 81 -8.33 10.30 -13.86
CA TYR C 81 -9.19 9.29 -14.46
C TYR C 81 -9.62 8.30 -13.39
N ASN C 82 -10.92 8.06 -13.29
CA ASN C 82 -11.40 7.20 -12.23
C ASN C 82 -11.19 5.73 -12.62
N GLN C 83 -11.64 4.82 -11.75
CA GLN C 83 -11.39 3.39 -11.99
C GLN C 83 -11.97 2.91 -13.30
N ALA C 84 -13.07 3.51 -13.75
CA ALA C 84 -13.69 3.16 -15.03
C ALA C 84 -13.00 3.82 -16.22
N GLY C 85 -11.94 4.62 -16.02
CA GLY C 85 -11.27 5.28 -17.10
C GLY C 85 -11.86 6.63 -17.49
N LYS C 86 -12.89 7.09 -16.78
CA LYS C 86 -13.54 8.35 -17.12
C LYS C 86 -12.78 9.49 -16.45
N CYS C 87 -12.47 10.53 -17.21
CA CYS C 87 -11.85 11.70 -16.61
C CYS C 87 -12.87 12.40 -15.70
N VAL C 88 -12.51 12.58 -14.44
CA VAL C 88 -13.43 13.19 -13.48
C VAL C 88 -12.94 14.53 -12.99
N GLN C 89 -11.78 15.00 -13.45
CA GLN C 89 -11.24 16.26 -12.96
C GLN C 89 -10.24 16.81 -13.97
N ILE C 90 -10.43 18.05 -14.37
CA ILE C 90 -9.45 18.77 -15.18
C ILE C 90 -8.98 19.98 -14.36
N PRO C 91 -7.75 19.96 -13.85
CA PRO C 91 -7.35 20.99 -12.88
C PRO C 91 -7.40 22.42 -13.39
N ALA C 92 -7.15 22.64 -14.68
CA ALA C 92 -7.21 24.00 -15.22
C ALA C 92 -8.61 24.59 -15.13
N HIS C 93 -9.63 23.75 -15.05
CA HIS C 93 -11.03 24.18 -15.06
C HIS C 93 -11.74 23.37 -13.98
N PRO C 94 -11.48 23.67 -12.71
CA PRO C 94 -11.88 22.75 -11.65
C PRO C 94 -13.39 22.64 -11.44
N ASP C 95 -14.19 23.58 -11.96
CA ASP C 95 -15.63 23.49 -11.84
C ASP C 95 -16.29 23.00 -13.12
N MET C 96 -15.52 22.59 -14.10
CA MET C 96 -16.03 22.14 -15.38
C MET C 96 -16.20 20.63 -15.35
N VAL C 97 -17.34 20.16 -15.87
CA VAL C 97 -17.47 18.72 -16.07
C VAL C 97 -16.62 18.31 -17.25
N PRO C 98 -15.71 17.35 -17.12
CA PRO C 98 -14.86 17.01 -18.25
C PRO C 98 -15.69 16.51 -19.41
N PRO C 99 -15.24 16.72 -20.64
CA PRO C 99 -15.98 16.20 -21.79
C PRO C 99 -16.06 14.69 -21.75
N ALA C 100 -17.18 14.16 -22.27
CA ALA C 100 -17.38 12.71 -22.29
C ALA C 100 -16.29 12.00 -23.08
N SER C 101 -15.69 12.68 -24.05
CA SER C 101 -14.59 12.10 -24.82
C SER C 101 -13.33 11.88 -23.98
N ALA C 102 -13.22 12.54 -22.84
CA ALA C 102 -12.05 12.43 -21.98
C ALA C 102 -12.20 11.13 -21.19
N GLN C 103 -11.74 10.04 -21.81
CA GLN C 103 -11.98 8.69 -21.34
C GLN C 103 -10.80 7.84 -21.80
N ALA C 104 -10.22 7.07 -20.90
CA ALA C 104 -9.19 6.11 -21.29
C ALA C 104 -9.83 4.90 -21.98
N LYS C 105 -9.08 4.31 -22.91
CA LYS C 105 -9.49 3.01 -23.46
C LYS C 105 -9.18 1.95 -22.42
N THR C 106 -10.22 1.25 -21.94
CA THR C 106 -10.06 0.27 -20.87
C THR C 106 -10.26 -1.14 -21.41
N TYR C 107 -9.63 -2.10 -20.75
CA TYR C 107 -9.70 -3.50 -21.15
C TYR C 107 -10.16 -4.34 -19.96
N HIS C 108 -10.50 -5.60 -20.26
CA HIS C 108 -10.89 -6.54 -19.21
C HIS C 108 -9.66 -7.11 -18.50
N CYS C 109 -9.76 -7.22 -17.19
CA CYS C 109 -8.70 -7.78 -16.38
C CYS C 109 -9.33 -8.72 -15.35
N GLN C 110 -8.74 -9.91 -15.21
CA GLN C 110 -9.06 -10.82 -14.12
C GLN C 110 -7.77 -11.30 -13.48
N GLU C 111 -7.79 -11.45 -12.16
CA GLU C 111 -6.70 -12.14 -11.46
C GLU C 111 -7.09 -13.59 -11.31
N ARG C 112 -6.19 -14.49 -11.69
CA ARG C 112 -6.46 -15.92 -11.53
C ARG C 112 -5.12 -16.63 -11.41
N TYR C 113 -5.02 -17.54 -10.43
CA TYR C 113 -3.77 -18.28 -10.17
C TYR C 113 -2.60 -17.35 -9.84
N GLY C 114 -2.86 -16.18 -9.28
CA GLY C 114 -1.79 -15.26 -8.98
C GLY C 114 -1.24 -14.53 -10.19
N LEU C 115 -1.92 -14.63 -11.31
CA LEU C 115 -1.50 -14.03 -12.57
C LEU C 115 -2.53 -12.98 -13.00
N VAL C 116 -2.04 -11.93 -13.65
CA VAL C 116 -2.92 -10.88 -14.16
C VAL C 116 -3.28 -11.21 -15.60
N TRP C 117 -4.56 -11.50 -15.85
CA TRP C 117 -5.04 -11.85 -17.17
C TRP C 117 -5.76 -10.65 -17.78
N VAL C 118 -5.56 -10.46 -19.08
CA VAL C 118 -6.13 -9.34 -19.79
C VAL C 118 -6.78 -9.85 -21.07
N CYS C 119 -7.96 -9.28 -21.38
CA CYS C 119 -8.59 -9.49 -22.67
C CYS C 119 -8.80 -8.13 -23.32
N LEU C 120 -8.22 -7.94 -24.49
CA LEU C 120 -8.33 -6.66 -25.21
C LEU C 120 -9.66 -6.52 -25.94
N GLY C 121 -10.41 -7.59 -26.07
CA GLY C 121 -11.65 -7.50 -26.83
C GLY C 121 -12.84 -7.85 -25.98
N ASN C 122 -13.71 -8.69 -26.50
N ASN C 122 -13.72 -8.68 -26.52
CA ASN C 122 -14.87 -9.15 -25.77
CA ASN C 122 -14.86 -9.17 -25.77
C ASN C 122 -14.66 -10.61 -25.39
C ASN C 122 -14.60 -10.61 -25.39
N PRO C 123 -14.52 -10.93 -24.10
CA PRO C 123 -14.15 -12.29 -23.70
C PRO C 123 -15.17 -13.36 -24.08
N VAL C 124 -14.93 -14.06 -25.19
CA VAL C 124 -15.72 -15.23 -25.52
C VAL C 124 -15.41 -16.37 -24.56
N ASN C 125 -14.13 -16.62 -24.32
CA ASN C 125 -13.68 -17.82 -23.64
C ASN C 125 -13.43 -17.56 -22.16
N ASP C 126 -13.38 -18.64 -21.41
CA ASP C 126 -12.96 -18.62 -20.02
C ASP C 126 -11.44 -18.65 -19.95
N ILE C 127 -10.92 -18.20 -18.83
CA ILE C 127 -9.49 -18.38 -18.58
C ILE C 127 -9.22 -19.88 -18.46
N PRO C 128 -8.11 -20.39 -19.01
CA PRO C 128 -7.86 -21.84 -18.96
C PRO C 128 -7.90 -22.38 -17.54
N SER C 129 -8.32 -23.64 -17.42
CA SER C 129 -8.43 -24.30 -16.13
C SER C 129 -7.05 -24.74 -15.63
N PHE C 130 -6.91 -24.79 -14.30
CA PHE C 130 -5.69 -25.27 -13.65
C PHE C 130 -6.13 -26.01 -12.40
N PRO C 131 -6.48 -27.29 -12.53
CA PRO C 131 -7.16 -27.97 -11.42
C PRO C 131 -6.38 -28.00 -10.12
N GLU C 132 -5.05 -28.07 -10.17
CA GLU C 132 -4.29 -28.22 -8.94
C GLU C 132 -4.23 -26.93 -8.13
N TRP C 133 -4.66 -25.79 -8.68
CA TRP C 133 -4.54 -24.53 -7.97
C TRP C 133 -5.15 -24.59 -6.57
N ASP C 134 -6.34 -25.20 -6.44
CA ASP C 134 -7.00 -25.26 -5.13
C ASP C 134 -6.69 -26.55 -4.38
N ASP C 135 -5.64 -27.27 -4.74
CA ASP C 135 -5.34 -28.53 -4.07
C ASP C 135 -4.23 -28.30 -3.05
N PRO C 136 -4.51 -28.34 -1.75
CA PRO C 136 -3.46 -28.03 -0.76
C PRO C 136 -2.35 -29.04 -0.70
N ASN C 137 -2.47 -30.19 -1.38
CA ASN C 137 -1.36 -31.12 -1.47
C ASN C 137 -0.28 -30.64 -2.42
N TYR C 138 -0.50 -29.54 -3.12
CA TYR C 138 0.44 -29.04 -4.12
C TYR C 138 0.97 -27.68 -3.68
N HIS C 139 2.27 -27.54 -3.80
CA HIS C 139 2.94 -26.23 -3.55
C HIS C 139 3.00 -25.51 -4.89
N LYS C 140 3.28 -24.22 -4.85
CA LYS C 140 3.31 -23.43 -6.09
C LYS C 140 4.60 -22.62 -6.17
N THR C 141 5.06 -22.38 -7.39
CA THR C 141 6.21 -21.48 -7.61
C THR C 141 6.02 -20.84 -8.99
N TYR C 142 6.61 -19.69 -9.20
CA TYR C 142 6.52 -19.00 -10.48
C TYR C 142 7.94 -18.79 -11.00
N THR C 143 8.16 -19.10 -12.28
CA THR C 143 9.43 -18.69 -12.90
C THR C 143 9.48 -17.17 -13.04
N LYS C 144 10.70 -16.68 -13.29
CA LYS C 144 10.79 -15.32 -13.78
C LYS C 144 10.13 -15.24 -15.15
N SER C 145 10.00 -14.02 -15.66
N SER C 145 9.94 -14.01 -15.61
CA SER C 145 9.47 -13.79 -17.00
CA SER C 145 9.53 -13.80 -16.98
C SER C 145 10.62 -13.76 -17.99
C SER C 145 10.73 -13.99 -17.90
N TYR C 146 10.48 -14.46 -19.10
CA TYR C 146 11.50 -14.54 -20.13
C TYR C 146 11.03 -13.72 -21.33
N LEU C 147 11.83 -12.74 -21.72
CA LEU C 147 11.54 -11.96 -22.91
C LEU C 147 12.26 -12.60 -24.08
N ILE C 148 11.52 -13.00 -25.11
CA ILE C 148 12.05 -13.81 -26.20
C ILE C 148 11.78 -13.11 -27.53
N GLN C 149 12.84 -12.94 -28.32
CA GLN C 149 12.70 -12.41 -29.68
C GLN C 149 12.33 -13.55 -30.63
N ALA C 150 11.09 -14.01 -30.48
CA ALA C 150 10.52 -15.01 -31.36
C ALA C 150 9.01 -14.83 -31.34
N SER C 151 8.36 -15.29 -32.41
CA SER C 151 6.91 -15.27 -32.47
C SER C 151 6.33 -16.09 -31.30
N PRO C 152 5.24 -15.62 -30.67
CA PRO C 152 4.61 -16.43 -29.61
C PRO C 152 4.18 -17.81 -30.09
N PHE C 153 3.83 -17.97 -31.36
CA PHE C 153 3.45 -19.30 -31.83
C PHE C 153 4.66 -20.18 -32.06
N ARG C 154 5.82 -19.60 -32.34
CA ARG C 154 7.02 -20.44 -32.37
C ARG C 154 7.45 -20.80 -30.96
N VAL C 155 7.24 -19.91 -29.98
CA VAL C 155 7.51 -20.27 -28.59
C VAL C 155 6.66 -21.47 -28.20
N MET C 156 5.36 -21.44 -28.53
CA MET C 156 4.52 -22.57 -28.14
C MET C 156 4.85 -23.81 -28.98
N ASP C 157 5.10 -23.65 -30.27
CA ASP C 157 5.52 -24.79 -31.08
C ASP C 157 6.68 -25.53 -30.41
N ASN C 158 7.65 -24.78 -29.89
CA ASN C 158 8.84 -25.42 -29.29
C ASN C 158 8.47 -26.15 -27.96
N SER C 159 7.38 -25.76 -27.30
N SER C 159 7.38 -25.74 -27.30
CA SER C 159 6.96 -26.44 -26.04
CA SER C 159 6.94 -26.42 -26.04
C SER C 159 6.15 -27.71 -26.36
C SER C 159 6.15 -27.69 -26.36
N ILE C 160 5.51 -27.75 -27.51
CA ILE C 160 4.72 -28.96 -27.96
C ILE C 160 5.71 -30.00 -28.48
N ASP C 161 6.81 -29.55 -29.04
CA ASP C 161 7.80 -30.45 -29.63
C ASP C 161 8.45 -31.30 -28.54
N VAL C 162 8.50 -32.63 -28.74
CA VAL C 162 9.18 -33.50 -27.79
C VAL C 162 10.44 -34.15 -28.36
N SER C 163 10.59 -34.23 -29.67
CA SER C 163 11.74 -34.95 -30.22
C SER C 163 13.05 -34.20 -30.02
N HIS C 164 13.00 -32.90 -29.68
CA HIS C 164 14.24 -32.16 -29.46
C HIS C 164 14.89 -32.47 -28.11
N PHE C 165 14.15 -33.07 -27.16
CA PHE C 165 14.66 -33.28 -25.81
C PHE C 165 16.06 -33.87 -25.74
N PRO C 166 16.40 -34.94 -26.45
CA PRO C 166 17.74 -35.53 -26.28
C PRO C 166 18.85 -34.69 -26.85
N PHE C 167 18.55 -33.66 -27.64
CA PHE C 167 19.60 -32.89 -28.30
C PHE C 167 19.88 -31.57 -27.63
N ILE C 168 18.88 -30.81 -27.20
CA ILE C 168 19.19 -29.56 -26.51
C ILE C 168 18.88 -29.60 -25.03
N HIS C 169 18.32 -30.70 -24.52
CA HIS C 169 18.06 -30.83 -23.08
C HIS C 169 18.71 -32.10 -22.50
N GLU C 170 19.90 -32.41 -22.97
CA GLU C 170 20.64 -33.60 -22.45
C GLU C 170 20.67 -33.54 -20.93
N GLY C 171 20.01 -34.48 -20.28
CA GLY C 171 19.94 -34.49 -18.83
C GLY C 171 18.52 -34.33 -18.34
N ILE C 172 18.10 -33.08 -18.17
CA ILE C 172 16.76 -32.83 -17.57
C ILE C 172 15.66 -33.52 -18.39
N LEU C 173 15.72 -33.47 -19.72
CA LEU C 173 14.59 -34.02 -20.51
C LEU C 173 15.01 -35.10 -21.55
N GLY C 174 16.27 -35.51 -21.68
CA GLY C 174 16.58 -36.50 -22.69
C GLY C 174 17.94 -37.14 -22.50
N ASP C 175 18.35 -37.91 -23.50
CA ASP C 175 19.73 -38.39 -23.66
C ASP C 175 19.98 -38.72 -25.13
N ARG C 176 21.16 -38.33 -25.62
CA ARG C 176 21.45 -38.37 -27.06
C ARG C 176 21.59 -39.79 -27.62
N ASN C 177 21.77 -40.80 -26.77
CA ASN C 177 21.81 -42.17 -27.25
C ASN C 177 20.48 -42.86 -27.16
N HIS C 178 19.44 -42.17 -26.67
CA HIS C 178 18.09 -42.70 -26.60
C HIS C 178 17.13 -41.68 -27.24
N ALA C 179 17.38 -41.40 -28.51
CA ALA C 179 16.73 -40.32 -29.23
C ALA C 179 15.52 -40.76 -30.05
N GLU C 180 15.25 -42.06 -30.15
CA GLU C 180 14.09 -42.50 -30.90
C GLU C 180 12.81 -42.08 -30.16
N VAL C 181 11.79 -41.74 -30.94
CA VAL C 181 10.52 -41.25 -30.40
C VAL C 181 9.45 -42.27 -30.74
N GLU C 182 8.78 -42.79 -29.72
CA GLU C 182 7.67 -43.70 -29.91
C GLU C 182 6.54 -43.00 -30.66
N ASP C 183 5.56 -43.79 -31.09
CA ASP C 183 4.37 -43.22 -31.70
C ASP C 183 3.65 -42.36 -30.67
N LEU C 184 3.16 -41.21 -31.10
CA LEU C 184 2.59 -40.20 -30.22
C LEU C 184 1.08 -40.21 -30.34
N GLU C 185 0.42 -40.06 -29.21
CA GLU C 185 -1.03 -39.90 -29.16
C GLU C 185 -1.34 -38.41 -29.22
N VAL C 186 -1.97 -37.98 -30.31
CA VAL C 186 -2.33 -36.59 -30.53
C VAL C 186 -3.82 -36.53 -30.82
N LYS C 187 -4.52 -35.60 -30.17
CA LYS C 187 -5.93 -35.35 -30.43
C LYS C 187 -6.15 -33.85 -30.59
N VAL C 188 -6.90 -33.45 -31.62
CA VAL C 188 -7.42 -32.11 -31.75
C VAL C 188 -8.94 -32.23 -31.80
N ASP C 189 -9.60 -31.71 -30.77
CA ASP C 189 -11.05 -31.93 -30.65
C ASP C 189 -11.62 -30.72 -29.91
N LYS C 190 -12.84 -30.87 -29.39
CA LYS C 190 -13.51 -29.75 -28.73
C LYS C 190 -12.78 -29.29 -27.48
N ASP C 191 -11.91 -30.11 -26.91
CA ASP C 191 -11.12 -29.72 -25.75
C ASP C 191 -9.85 -28.98 -26.14
N GLY C 192 -9.53 -28.89 -27.43
CA GLY C 192 -8.29 -28.27 -27.86
C GLY C 192 -7.33 -29.30 -28.41
N LEU C 193 -6.04 -29.11 -28.16
CA LEU C 193 -5.00 -30.02 -28.64
C LEU C 193 -4.43 -30.76 -27.44
N THR C 194 -4.41 -32.09 -27.51
CA THR C 194 -3.91 -32.91 -26.43
C THR C 194 -2.84 -33.84 -26.95
N MET C 195 -1.69 -33.87 -26.26
CA MET C 195 -0.74 -34.96 -26.42
C MET C 195 -0.93 -35.92 -25.26
N GLY C 196 -1.25 -37.17 -25.57
CA GLY C 196 -1.48 -38.17 -24.54
C GLY C 196 -0.17 -38.61 -23.92
N LYS C 197 -0.31 -39.46 -22.89
CA LYS C 197 0.82 -39.83 -22.05
C LYS C 197 1.99 -40.34 -22.89
N TYR C 198 3.16 -39.80 -22.58
CA TYR C 198 4.37 -39.98 -23.37
C TYR C 198 5.49 -40.28 -22.40
N GLN C 199 6.28 -41.32 -22.67
CA GLN C 199 7.38 -41.72 -21.81
C GLN C 199 8.59 -40.86 -22.13
N VAL C 200 9.09 -40.13 -21.14
CA VAL C 200 10.27 -39.28 -21.29
C VAL C 200 11.46 -39.99 -20.68
N HIS C 201 12.55 -40.06 -21.44
CA HIS C 201 13.76 -40.75 -21.00
C HIS C 201 14.77 -39.71 -20.56
N THR C 202 15.12 -39.71 -19.28
CA THR C 202 16.03 -38.73 -18.71
C THR C 202 17.37 -39.37 -18.39
N SER C 203 18.41 -38.57 -18.38
CA SER C 203 19.73 -39.05 -18.00
C SER C 203 19.83 -39.15 -16.48
N LYS C 204 20.49 -40.18 -16.00
CA LYS C 204 20.58 -40.37 -14.56
C LYS C 204 21.48 -39.30 -13.95
N PHE C 205 21.10 -38.82 -12.77
CA PHE C 205 21.92 -37.90 -11.99
C PHE C 205 22.36 -38.51 -10.67
N ASN C 206 21.43 -39.00 -9.88
CA ASN C 206 21.75 -39.60 -8.59
C ASN C 206 21.91 -41.10 -8.78
N ASN C 207 23.12 -41.61 -8.61
CA ASN C 207 23.34 -43.03 -8.84
C ASN C 207 22.73 -43.91 -7.76
N SER C 208 22.35 -43.36 -6.60
CA SER C 208 21.78 -44.17 -5.53
C SER C 208 20.31 -44.52 -5.78
N THR C 209 19.60 -43.75 -6.59
CA THR C 209 18.15 -43.85 -6.68
C THR C 209 17.70 -44.51 -7.97
N LYS C 210 16.44 -44.90 -7.97
CA LYS C 210 15.83 -45.53 -9.14
C LYS C 210 15.67 -44.51 -10.26
N ASP C 211 15.40 -45.02 -11.46
CA ASP C 211 15.19 -44.14 -12.60
C ASP C 211 14.01 -43.21 -12.36
N ASP C 212 14.05 -42.03 -13.00
CA ASP C 212 12.95 -41.09 -12.86
C ASP C 212 11.68 -41.62 -13.54
N SER C 213 11.81 -42.20 -14.73
CA SER C 213 10.70 -42.80 -15.45
C SER C 213 9.53 -41.83 -15.62
N MET C 214 9.84 -40.66 -16.20
CA MET C 214 8.86 -39.61 -16.34
C MET C 214 7.83 -39.95 -17.42
N VAL C 215 6.56 -39.70 -17.11
CA VAL C 215 5.47 -39.80 -18.08
C VAL C 215 4.79 -38.44 -18.14
N ASN C 216 4.75 -37.87 -19.33
CA ASN C 216 4.28 -36.52 -19.53
C ASN C 216 3.06 -36.52 -20.46
N TRP C 217 2.16 -35.57 -20.24
CA TRP C 217 1.11 -35.27 -21.21
C TRP C 217 0.78 -33.79 -21.08
N PHE C 218 0.13 -33.23 -22.10
CA PHE C 218 -0.24 -31.83 -22.00
C PHE C 218 -1.48 -31.54 -22.86
N ARG C 219 -2.11 -30.41 -22.56
CA ARG C 219 -3.31 -29.99 -23.27
C ARG C 219 -3.29 -28.49 -23.44
N LEU C 220 -3.68 -28.03 -24.63
CA LEU C 220 -3.89 -26.62 -24.92
C LEU C 220 -5.36 -26.43 -25.25
N SER C 221 -6.10 -25.74 -24.39
CA SER C 221 -7.46 -25.38 -24.79
C SER C 221 -7.47 -24.11 -25.62
N HIS C 222 -6.46 -23.28 -25.49
CA HIS C 222 -6.22 -22.14 -26.35
C HIS C 222 -4.75 -22.11 -26.74
N PRO C 223 -4.42 -21.46 -27.86
CA PRO C 223 -3.13 -21.74 -28.52
C PRO C 223 -1.91 -21.14 -27.86
N LEU C 224 -2.04 -20.23 -26.87
CA LEU C 224 -0.86 -19.68 -26.21
C LEU C 224 -0.80 -20.01 -24.72
N CYS C 225 -1.57 -21.00 -24.29
CA CYS C 225 -1.52 -21.48 -22.90
CA CYS C 225 -1.49 -21.49 -22.91
C CYS C 225 -1.51 -23.00 -22.94
N GLN C 226 -0.63 -23.61 -22.15
CA GLN C 226 -0.47 -25.04 -22.15
C GLN C 226 -0.51 -25.55 -20.71
N TYR C 227 -1.31 -26.60 -20.49
CA TYR C 227 -1.35 -27.28 -19.20
C TYR C 227 -0.53 -28.56 -19.35
N CYS C 228 0.46 -28.72 -18.49
CA CYS C 228 1.46 -29.76 -18.65
C CYS C 228 1.52 -30.58 -17.38
N SER C 229 1.54 -31.91 -17.53
CA SER C 229 1.41 -32.80 -16.38
C SER C 229 2.47 -33.90 -16.49
N THR C 230 3.27 -34.06 -15.45
CA THR C 230 4.36 -35.02 -15.45
C THR C 230 4.31 -35.84 -14.17
N GLU C 231 4.29 -37.16 -14.32
CA GLU C 231 4.44 -38.07 -13.20
C GLU C 231 5.85 -38.64 -13.23
N ALA C 232 6.59 -38.46 -12.15
CA ALA C 232 7.93 -38.99 -11.98
C ALA C 232 7.92 -40.02 -10.85
N SER C 233 9.12 -40.48 -10.47
CA SER C 233 9.22 -41.60 -9.53
C SER C 233 8.50 -41.29 -8.22
N GLU C 234 8.73 -40.10 -7.67
CA GLU C 234 8.21 -39.78 -6.35
C GLU C 234 7.08 -38.77 -6.34
N MET C 235 6.84 -38.06 -7.45
CA MET C 235 5.93 -36.93 -7.32
C MET C 235 5.33 -36.57 -8.67
N ARG C 236 4.27 -35.78 -8.60
CA ARG C 236 3.63 -35.20 -9.78
C ARG C 236 3.93 -33.71 -9.83
N THR C 237 4.31 -33.23 -11.00
CA THR C 237 4.57 -31.81 -11.25
C THR C 237 3.67 -31.38 -12.39
N VAL C 238 2.90 -30.30 -12.18
CA VAL C 238 2.08 -29.74 -13.24
C VAL C 238 2.52 -28.30 -13.43
N ASP C 239 2.28 -27.77 -14.63
CA ASP C 239 2.47 -26.34 -14.76
C ASP C 239 1.46 -25.77 -15.75
N LEU C 240 1.27 -24.46 -15.64
CA LEU C 240 0.54 -23.68 -16.63
C LEU C 240 1.58 -22.79 -17.31
N MET C 241 1.76 -23.02 -18.60
CA MET C 241 2.67 -22.23 -19.42
C MET C 241 1.85 -21.15 -20.10
N VAL C 242 2.25 -19.89 -19.95
CA VAL C 242 1.49 -18.81 -20.56
C VAL C 242 2.45 -17.97 -21.38
N VAL C 243 2.10 -17.76 -22.65
CA VAL C 243 2.89 -16.95 -23.55
C VAL C 243 2.14 -15.64 -23.73
N THR C 244 2.83 -14.53 -23.49
CA THR C 244 2.26 -13.21 -23.80
C THR C 244 2.65 -12.84 -25.21
N PRO C 245 1.70 -12.67 -26.13
CA PRO C 245 2.08 -12.28 -27.49
C PRO C 245 2.30 -10.78 -27.55
N ILE C 246 3.54 -10.35 -27.30
CA ILE C 246 3.86 -8.93 -27.34
C ILE C 246 3.48 -8.32 -28.68
N ASP C 247 3.90 -8.98 -29.74
CA ASP C 247 3.47 -8.66 -31.09
C ASP C 247 3.70 -9.91 -31.96
N GLU C 248 3.82 -9.73 -33.28
CA GLU C 248 3.97 -10.91 -34.13
C GLU C 248 5.32 -11.60 -33.92
N ASP C 249 6.34 -10.86 -33.47
CA ASP C 249 7.71 -11.33 -33.50
C ASP C 249 8.37 -11.43 -32.13
N ASN C 250 7.62 -11.18 -31.04
CA ASN C 250 8.20 -11.09 -29.70
C ASN C 250 7.20 -11.65 -28.69
N SER C 251 7.74 -12.22 -27.61
CA SER C 251 6.94 -12.97 -26.64
C SER C 251 7.49 -12.78 -25.24
N VAL C 252 6.62 -12.86 -24.25
CA VAL C 252 7.04 -13.08 -22.86
C VAL C 252 6.59 -14.48 -22.47
N LEU C 253 7.46 -15.22 -21.81
CA LEU C 253 7.16 -16.58 -21.38
C LEU C 253 7.19 -16.67 -19.87
N ARG C 254 6.16 -17.30 -19.28
CA ARG C 254 6.10 -17.53 -17.84
C ARG C 254 5.52 -18.91 -17.57
N TYR C 255 5.95 -19.52 -16.46
CA TYR C 255 5.33 -20.75 -15.96
C TYR C 255 4.88 -20.57 -14.52
N LEU C 256 3.69 -21.07 -14.21
CA LEU C 256 3.26 -21.35 -12.85
C LEU C 256 3.38 -22.86 -12.65
N ILE C 257 4.19 -23.27 -11.68
CA ILE C 257 4.55 -24.68 -11.49
C ILE C 257 4.00 -25.13 -10.15
N MET C 258 3.37 -26.31 -10.12
CA MET C 258 2.89 -26.88 -8.87
C MET C 258 3.32 -28.33 -8.75
N TRP C 259 3.64 -28.77 -7.53
CA TRP C 259 4.14 -30.12 -7.32
C TRP C 259 3.71 -30.58 -5.93
N ASN C 260 3.54 -31.89 -5.78
CA ASN C 260 3.07 -32.44 -4.51
C ASN C 260 4.16 -33.12 -3.71
N GLY C 261 5.43 -32.96 -4.10
CA GLY C 261 6.57 -33.39 -3.31
C GLY C 261 6.93 -32.35 -2.27
N SER C 262 8.14 -32.48 -1.74
CA SER C 262 8.57 -31.58 -0.68
C SER C 262 8.66 -30.13 -1.16
N LYS C 263 8.21 -29.21 -0.31
CA LYS C 263 8.34 -27.79 -0.60
C LYS C 263 9.81 -27.40 -0.83
N THR C 264 10.74 -28.13 -0.20
CA THR C 264 12.15 -27.81 -0.30
C THR C 264 12.71 -27.99 -1.71
N LEU C 265 11.98 -28.63 -2.61
CA LEU C 265 12.44 -28.85 -3.97
C LEU C 265 12.30 -27.62 -4.86
N GLU C 266 11.74 -26.52 -4.34
CA GLU C 266 11.42 -25.37 -5.17
C GLU C 266 12.64 -24.84 -5.91
N SER C 267 13.80 -24.79 -5.24
CA SER C 267 15.01 -24.27 -5.88
C SER C 267 15.45 -25.15 -7.04
N LYS C 268 15.43 -26.47 -6.85
CA LYS C 268 15.82 -27.36 -7.93
C LYS C 268 14.84 -27.21 -9.09
N ILE C 269 13.55 -27.05 -8.79
CA ILE C 269 12.57 -26.93 -9.86
C ILE C 269 12.82 -25.67 -10.67
N LEU C 270 12.97 -24.53 -9.99
CA LEU C 270 13.18 -23.27 -10.71
C LEU C 270 14.47 -23.30 -11.50
N ALA C 271 15.53 -23.91 -10.96
CA ALA C 271 16.80 -23.96 -11.68
C ALA C 271 16.72 -24.90 -12.86
N ASP C 272 16.00 -26.03 -12.72
CA ASP C 272 15.85 -26.95 -13.84
C ASP C 272 15.06 -26.30 -14.97
N TYR C 273 13.94 -25.64 -14.64
CA TYR C 273 13.16 -24.92 -15.64
C TYR C 273 14.01 -23.87 -16.34
N ASP C 274 14.76 -23.09 -15.57
CA ASP C 274 15.57 -22.03 -16.17
C ASP C 274 16.59 -22.61 -17.13
N GLN C 275 17.23 -23.71 -16.76
CA GLN C 275 18.21 -24.32 -17.66
C GLN C 275 17.57 -24.76 -18.97
N VAL C 276 16.42 -25.44 -18.89
CA VAL C 276 15.73 -25.92 -20.09
C VAL C 276 15.22 -24.74 -20.92
N ILE C 277 14.65 -23.73 -20.27
CA ILE C 277 14.08 -22.59 -20.98
C ILE C 277 15.17 -21.88 -21.78
N GLU C 278 16.32 -21.64 -21.17
CA GLU C 278 17.38 -20.93 -21.88
C GLU C 278 17.93 -21.77 -23.04
N GLU C 279 17.99 -23.09 -22.88
CA GLU C 279 18.38 -23.93 -24.01
C GLU C 279 17.39 -23.79 -25.15
N ASP C 280 16.10 -23.75 -24.84
CA ASP C 280 15.09 -23.52 -25.88
C ASP C 280 15.21 -22.13 -26.50
N ILE C 281 15.49 -21.11 -25.69
CA ILE C 281 15.57 -19.75 -26.22
C ILE C 281 16.69 -19.64 -27.26
N ARG C 282 17.79 -20.36 -27.05
CA ARG C 282 18.87 -20.31 -28.04
C ARG C 282 18.37 -20.75 -29.41
N ILE C 283 17.54 -21.79 -29.46
CA ILE C 283 16.97 -22.23 -30.72
C ILE C 283 15.92 -21.23 -31.23
N LEU C 284 14.97 -20.86 -30.37
CA LEU C 284 13.91 -19.93 -30.77
C LEU C 284 14.46 -18.67 -31.42
N HIS C 285 15.48 -18.07 -30.80
N HIS C 285 15.45 -18.04 -30.78
CA HIS C 285 16.05 -16.82 -31.31
CA HIS C 285 16.02 -16.80 -31.29
C HIS C 285 16.57 -16.99 -32.73
C HIS C 285 16.59 -16.98 -32.71
N SER C 286 16.94 -18.21 -33.10
CA SER C 286 17.63 -18.45 -34.35
C SER C 286 16.71 -18.85 -35.49
N GLN C 287 15.47 -19.27 -35.18
CA GLN C 287 14.62 -19.86 -36.22
C GLN C 287 14.16 -18.82 -37.23
N GLN C 288 14.17 -19.23 -38.49
CA GLN C 288 13.71 -18.38 -39.56
C GLN C 288 12.78 -19.20 -40.47
N PRO C 289 11.71 -18.59 -40.99
CA PRO C 289 11.25 -17.23 -40.69
C PRO C 289 10.85 -17.07 -39.22
N THR C 290 10.84 -15.84 -38.71
CA THR C 290 10.42 -15.59 -37.32
C THR C 290 9.03 -16.16 -37.05
N ARG C 291 8.10 -15.88 -37.94
CA ARG C 291 6.74 -16.32 -37.72
C ARG C 291 6.59 -17.80 -38.07
N LEU C 292 5.71 -18.47 -37.35
CA LEU C 292 5.51 -19.91 -37.49
C LEU C 292 4.87 -20.24 -38.83
N PRO C 293 5.49 -21.07 -39.66
CA PRO C 293 4.87 -21.47 -40.94
C PRO C 293 3.71 -22.43 -40.69
N LEU C 294 2.55 -22.11 -41.24
CA LEU C 294 1.44 -23.05 -41.16
C LEU C 294 1.56 -24.05 -42.31
N LEU C 295 0.64 -25.00 -42.35
CA LEU C 295 0.73 -26.08 -43.33
C LEU C 295 0.38 -25.58 -44.73
N SER C 296 1.08 -26.11 -45.73
CA SER C 296 0.80 -25.72 -47.12
C SER C 296 1.15 -26.85 -48.07
N GLY C 304 11.24 -17.28 -49.35
CA GLY C 304 12.08 -17.96 -50.33
C GLY C 304 12.69 -19.23 -49.77
N LEU C 305 12.55 -19.40 -48.46
CA LEU C 305 13.10 -20.57 -47.79
C LEU C 305 12.25 -21.80 -48.11
N PRO C 306 12.86 -22.99 -48.13
CA PRO C 306 12.09 -24.20 -48.43
C PRO C 306 11.00 -24.43 -47.39
N GLN C 307 9.98 -25.18 -47.79
CA GLN C 307 8.90 -25.54 -46.89
C GLN C 307 9.41 -26.42 -45.75
N GLU C 308 8.73 -26.35 -44.61
CA GLU C 308 9.04 -27.26 -43.51
C GLU C 308 8.82 -28.71 -43.93
N ILE C 309 9.59 -29.59 -43.32
CA ILE C 309 9.46 -31.03 -43.49
C ILE C 309 8.87 -31.58 -42.20
N HIS C 310 8.02 -32.59 -42.31
CA HIS C 310 7.40 -33.20 -41.14
C HIS C 310 7.64 -34.71 -41.14
N VAL C 311 7.99 -35.23 -39.98
CA VAL C 311 8.22 -36.67 -39.79
C VAL C 311 7.20 -37.15 -38.77
N PRO C 312 7.07 -38.45 -38.52
CA PRO C 312 6.04 -38.91 -37.57
C PRO C 312 6.15 -38.34 -36.16
N SER C 313 7.34 -38.09 -35.65
CA SER C 313 7.45 -37.52 -34.30
C SER C 313 7.03 -36.06 -34.26
N ASP C 314 6.73 -35.43 -35.40
CA ASP C 314 6.17 -34.10 -35.47
C ASP C 314 4.65 -34.10 -35.44
N ARG C 315 4.03 -35.23 -35.10
CA ARG C 315 2.59 -35.34 -35.18
C ARG C 315 1.90 -34.21 -34.39
N CYS C 316 2.40 -33.89 -33.19
N CYS C 316 2.40 -33.91 -33.18
CA CYS C 316 1.69 -32.87 -32.42
CA CYS C 316 1.76 -32.88 -32.36
C CYS C 316 2.00 -31.46 -32.89
C CYS C 316 2.00 -31.48 -32.93
N THR C 317 3.21 -31.21 -33.41
CA THR C 317 3.51 -29.88 -33.91
C THR C 317 2.85 -29.63 -35.26
N VAL C 318 2.63 -30.69 -36.04
CA VAL C 318 1.79 -30.57 -37.23
C VAL C 318 0.35 -30.27 -36.82
N ALA C 319 -0.15 -30.98 -35.82
CA ALA C 319 -1.52 -30.76 -35.37
C ALA C 319 -1.69 -29.34 -34.87
N TYR C 320 -0.66 -28.79 -34.21
CA TYR C 320 -0.73 -27.41 -33.74
C TYR C 320 -0.88 -26.44 -34.90
N ARG C 321 -0.12 -26.65 -35.97
CA ARG C 321 -0.21 -25.78 -37.13
C ARG C 321 -1.57 -25.90 -37.80
N ARG C 322 -2.10 -27.13 -37.92
N ARG C 322 -2.10 -27.13 -37.89
CA ARG C 322 -3.43 -27.32 -38.47
CA ARG C 322 -3.43 -27.31 -38.48
C ARG C 322 -4.48 -26.61 -37.63
C ARG C 322 -4.50 -26.64 -37.62
N TRP C 323 -4.36 -26.71 -36.30
CA TRP C 323 -5.31 -26.08 -35.39
C TRP C 323 -5.29 -24.56 -35.56
N LEU C 324 -4.09 -23.97 -35.66
CA LEU C 324 -3.98 -22.53 -35.85
C LEU C 324 -4.70 -22.10 -37.13
N LYS C 325 -4.57 -22.88 -38.20
CA LYS C 325 -5.29 -22.54 -39.41
C LYS C 325 -6.81 -22.64 -39.19
N GLU C 326 -7.26 -23.72 -38.53
CA GLU C 326 -8.67 -23.85 -38.19
C GLU C 326 -9.16 -22.66 -37.37
N LEU C 327 -8.34 -22.18 -36.43
CA LEU C 327 -8.72 -21.03 -35.62
C LEU C 327 -8.69 -19.72 -36.39
N GLY C 328 -8.08 -19.69 -37.57
CA GLY C 328 -7.99 -18.46 -38.33
C GLY C 328 -6.83 -17.56 -37.96
N VAL C 329 -5.84 -18.07 -37.22
CA VAL C 329 -4.69 -17.23 -36.86
C VAL C 329 -3.89 -16.86 -38.10
N THR C 330 -3.66 -15.56 -38.29
CA THR C 330 -2.76 -15.02 -39.31
C THR C 330 -1.65 -14.18 -38.71
N TYR C 331 -1.78 -13.80 -37.45
CA TYR C 331 -0.85 -12.93 -36.72
C TYR C 331 0.21 -13.78 -36.04
N GLY C 332 1.50 -13.45 -36.28
CA GLY C 332 2.60 -14.23 -35.73
C GLY C 332 2.88 -15.54 -36.45
N VAL C 333 2.21 -15.80 -37.58
CA VAL C 333 2.35 -17.02 -38.36
C VAL C 333 2.54 -16.63 -39.82
N CYS C 334 2.95 -17.61 -40.62
CA CYS C 334 3.15 -17.37 -42.03
C CYS C 334 2.94 -18.66 -42.83
C1 GOL D . -23.77 37.58 15.54
O1 GOL D . -23.66 38.73 16.34
C2 GOL D . -25.18 37.63 14.91
O2 GOL D . -26.16 37.27 15.82
C3 GOL D . -25.37 39.09 14.43
O3 GOL D . -24.10 39.65 14.25
C1 GOL E . -5.59 34.73 2.59
O1 GOL E . -5.63 36.12 2.46
C2 GOL E . -6.74 34.16 1.73
O2 GOL E . -7.41 35.18 0.99
C3 GOL E . -6.09 33.02 0.82
O3 GOL E . -5.86 31.79 1.59
N D82 F . -28.06 12.67 7.11
C D82 F . -27.85 13.59 8.05
O D82 F . -28.59 14.54 8.29
C5 D82 F . -24.74 14.33 14.38
N4 D82 F . -22.60 15.07 12.41
N3 D82 F . -24.39 13.39 12.25
C2 D82 F . -24.75 14.39 9.66
O1 D82 F . -26.71 13.37 8.71
C6 D82 F . -24.92 15.40 13.30
C7 D82 F . -24.01 14.82 12.14
C8 D82 F . -21.93 15.58 11.35
C9 D82 F . -24.18 15.37 10.68
C1 D82 F . -26.28 14.39 9.64
C3 D82 F . -24.22 12.50 11.22
C4 D82 F . -24.69 13.00 13.64
N1 D82 F . -24.32 13.02 9.99
N2 D82 F . -24.08 11.22 11.53
N5 D82 F . -20.68 15.87 11.20
N6 D82 F . -22.81 15.74 10.34
O2 D82 F . -26.22 15.38 12.79
C1 GOL G . -2.59 33.41 7.18
O1 GOL G . -1.79 32.71 8.08
C2 GOL G . -2.58 34.90 7.61
O2 GOL G . -1.31 35.32 7.99
C3 GOL G . -3.14 35.69 6.38
O3 GOL G . -3.89 36.76 6.87
C1 GOL H . -17.27 32.64 34.11
O1 GOL H . -17.96 31.68 33.36
C2 GOL H . -15.81 32.65 33.61
O2 GOL H . -15.36 31.38 33.26
C3 GOL H . -15.79 33.66 32.42
O3 GOL H . -14.72 33.28 31.59
C1 GOL I . -24.18 31.91 -0.64
O1 GOL I . -23.75 31.47 0.63
C2 GOL I . -25.68 31.60 -0.77
O2 GOL I . -25.98 30.33 -0.29
C3 GOL I . -26.36 32.71 0.04
O3 GOL I . -26.00 32.50 1.39
FE FE J . -28.88 15.05 16.29
FE1 FES K . -12.22 59.02 12.28
FE2 FES K . -12.44 56.46 11.48
S1 FES K . -11.45 58.13 10.45
S2 FES K . -13.37 57.35 13.23
CL CL L . -19.42 18.77 -7.12
CL CL M . -7.01 22.14 20.24
CL CL N . -11.87 23.94 16.55
CL CL O . -10.00 48.14 -4.80
FE1 FES P . -5.70 -20.38 28.30
FE2 FES P . -6.90 -21.98 30.11
S1 FES P . -5.23 -22.47 28.76
S2 FES P . -7.44 -19.92 29.54
C1 GOL Q . 5.73 4.95 -3.59
O1 GOL Q . 5.77 5.44 -2.30
C2 GOL Q . 5.01 6.03 -4.43
O2 GOL Q . 3.64 5.81 -4.51
C3 GOL Q . 5.32 7.35 -3.75
O3 GOL Q . 6.52 7.77 -4.26
C1 GOL R . 25.53 -23.05 20.77
O1 GOL R . 24.17 -22.70 20.84
C2 GOL R . 25.83 -23.57 19.34
O2 GOL R . 25.39 -22.68 18.35
C3 GOL R . 25.17 -24.98 19.25
O3 GOL R . 23.79 -24.84 19.43
C1 GOL S . 30.74 4.69 2.45
O1 GOL S . 31.98 4.44 1.86
C2 GOL S . 30.43 6.18 2.20
O2 GOL S . 29.85 6.40 0.95
C3 GOL S . 29.53 6.60 3.38
O3 GOL S . 28.89 7.77 2.99
N D82 T . 18.59 -5.65 -8.15
C D82 T . 18.69 -6.54 -7.17
O D82 T . 18.09 -7.60 -7.11
C5 D82 T . 23.38 -8.85 -2.42
N4 D82 T . 21.85 -6.70 -0.95
N3 D82 T . 22.48 -6.89 -3.36
C2 D82 T . 19.89 -5.99 -3.85
O1 D82 T . 19.53 -6.12 -6.21
C6 D82 T . 21.87 -8.84 -2.26
C7 D82 T . 21.56 -7.27 -2.28
C8 D82 T . 20.91 -5.85 -0.50
C9 D82 T . 20.11 -6.74 -2.53
C1 D82 T . 19.61 -6.93 -5.01
C3 D82 T . 22.36 -5.68 -4.00
C4 D82 T . 23.73 -7.66 -3.32
N1 D82 T . 21.11 -5.23 -4.18
N2 D82 T . 23.46 -5.11 -4.44
N5 D82 T . 20.83 -5.15 0.59
N6 D82 T . 19.91 -5.82 -1.42
O2 D82 T . 21.23 -9.36 -3.37
C1 GOL U . 8.99 -0.17 24.29
O1 GOL U . 8.20 -1.17 23.77
C2 GOL U . 10.09 0.11 23.24
O2 GOL U . 11.36 0.21 23.81
C3 GOL U . 9.66 1.44 22.58
O3 GOL U . 8.57 1.13 21.75
FE FE V . 23.55 -13.02 -4.45
CL CL W . 25.50 -5.52 17.62
FE1 FES X . -2.71 14.17 -20.15
FE2 FES X . -2.81 16.78 -20.83
S1 FES X . -1.72 15.15 -21.84
S2 FES X . -3.59 15.79 -19.01
C1 GOL Y . 1.99 -24.36 0.20
O1 GOL Y . 2.86 -25.27 -0.39
C2 GOL Y . 2.61 -22.99 -0.05
O2 GOL Y . 3.92 -22.96 0.39
C3 GOL Y . 2.54 -22.83 -1.57
O3 GOL Y . 3.79 -23.21 -2.00
C1 GOL Z . -8.47 -7.56 -11.18
O1 GOL Z . -8.14 -6.86 -10.03
C2 GOL Z . -9.70 -6.89 -11.81
O2 GOL Z . -9.64 -5.51 -11.71
C3 GOL Z . -10.95 -7.51 -11.11
O3 GOL Z . -10.49 -8.34 -10.08
N D82 AA . 11.72 -29.92 -15.75
C D82 AA . 11.55 -29.03 -16.73
O D82 AA . 12.38 -28.23 -17.10
C5 D82 AA . 8.57 -28.28 -23.11
N4 D82 AA . 6.43 -27.52 -21.20
N3 D82 AA . 8.26 -29.15 -20.96
C2 D82 AA . 8.48 -28.14 -18.38
O1 D82 AA . 10.32 -29.11 -17.26
C6 D82 AA . 8.73 -27.19 -22.06
C7 D82 AA . 7.84 -27.76 -20.89
C8 D82 AA . 5.74 -26.97 -20.16
C9 D82 AA . 7.97 -27.16 -19.44
C1 D82 AA . 9.98 -28.13 -18.28
C3 D82 AA . 7.97 -30.02 -19.94
C4 D82 AA . 8.47 -29.59 -22.35
N1 D82 AA . 8.02 -29.49 -18.70
N2 D82 AA . 7.74 -31.28 -20.27
N5 D82 AA . 4.50 -26.61 -20.06
N6 D82 AA . 6.60 -26.78 -19.14
O2 D82 AA . 10.02 -27.14 -21.52
C1 GOL BA . 6.13 -5.35 -22.07
O1 GOL BA . 6.74 -6.52 -22.53
C2 GOL BA . 7.14 -4.60 -21.16
O2 GOL BA . 7.34 -5.25 -19.94
C3 GOL BA . 6.53 -3.15 -21.00
O3 GOL BA . 7.21 -2.51 -19.95
C1 GOL CA . 11.62 -12.64 -41.45
O1 GOL CA . 11.95 -13.44 -40.33
C2 GOL CA . 10.09 -12.72 -41.62
O2 GOL CA . 9.73 -13.11 -42.91
C3 GOL CA . 9.67 -13.75 -40.55
O3 GOL CA . 8.30 -13.86 -40.48
C1 GOL DA . -5.18 -38.46 -19.65
O1 GOL DA . -4.16 -39.36 -19.94
C2 GOL DA . -5.04 -37.30 -20.66
O2 GOL DA . -4.79 -37.74 -21.96
C3 GOL DA . -6.38 -36.55 -20.53
O3 GOL DA . -6.15 -35.29 -21.13
FE FE EA . 12.71 -27.62 -25.11
CL CL FA . -5.27 5.72 -4.20
CL CL GA . -13.83 25.86 -14.06
#